data_7S5F
#
_entry.id   7S5F
#
_cell.length_a   152.202
_cell.length_b   61.779
_cell.length_c   148.063
_cell.angle_alpha   90.000
_cell.angle_beta   107.670
_cell.angle_gamma   90.000
#
_symmetry.space_group_name_H-M   'C 1 2 1'
#
loop_
_entity.id
_entity.type
_entity.pdbx_description
1 polymer 'Manose-6-phosphate reductase'
2 non-polymer 'NADP NICOTINAMIDE-ADENINE-DINUCLEOTIDE PHOSPHATE'
3 non-polymer 'D-MANNONIC ACID'
4 water water
#
_entity_poly.entity_id   1
_entity_poly.type   'polypeptide(L)'
_entity_poly.pdbx_seq_one_letter_code
;MAITLNSGFKMPVLGLGVWRMDRNEIKNLLLSAINLGYRHFDCAADYKNELEVGEAFKEAFDTDLVKREDLFITTKLWNS
DHGHVIEACKNSLKKLQLEYLDLYLIHFPMASKHSGIGTTRSILDDEGVLEVDTTISLEATWHEMEKLVEMGLVRSIGIS
NYDVYLTRDILSYSKIKPAVNQIETHPYFQRDSLIKFCHKYGIAITAHTPLGGALANTERFGSVSCLDDPVLKKLSDKHN
KSPAQIVLRWGVQRNTIVIPKSSKTKRLEENLNIFDFELSKEDMELIKTMERNQRSNTPAKAWGIDVYA
;
_entity_poly.pdbx_strand_id   B,A,C,D
#
# COMPACT_ATOMS: atom_id res chain seq x y z
N MET A 1 -8.39 28.88 -3.06
CA MET A 1 -8.58 30.24 -2.58
C MET A 1 -7.24 30.95 -2.38
N ALA A 2 -7.14 32.16 -2.92
CA ALA A 2 -5.89 32.89 -2.86
C ALA A 2 -6.19 34.38 -2.73
N ILE A 3 -5.22 35.11 -2.21
CA ILE A 3 -5.28 36.57 -2.11
C ILE A 3 -4.34 37.15 -3.16
N THR A 4 -4.81 38.18 -3.87
CA THR A 4 -4.00 38.85 -4.86
C THR A 4 -3.16 39.91 -4.17
N LEU A 5 -1.83 39.74 -4.20
CA LEU A 5 -0.91 40.69 -3.58
C LEU A 5 -0.86 41.98 -4.39
N ASN A 6 -0.35 43.05 -3.76
CA ASN A 6 -0.20 44.29 -4.49
C ASN A 6 0.84 44.21 -5.59
N SER A 7 1.62 43.13 -5.64
CA SER A 7 2.54 42.86 -6.74
C SER A 7 1.86 42.23 -7.95
N GLY A 8 0.59 41.85 -7.82
CA GLY A 8 -0.15 41.21 -8.89
C GLY A 8 -0.23 39.70 -8.80
N PHE A 9 0.59 39.08 -7.95
CA PHE A 9 0.65 37.62 -7.85
C PHE A 9 -0.33 37.10 -6.82
N LYS A 10 -0.89 35.91 -7.10
CA LYS A 10 -1.86 35.27 -6.23
C LYS A 10 -1.15 34.39 -5.21
N MET A 11 -1.53 34.51 -3.94
CA MET A 11 -0.86 33.73 -2.92
C MET A 11 -1.90 32.92 -2.16
N PRO A 12 -1.79 31.59 -2.13
CA PRO A 12 -2.84 30.77 -1.54
C PRO A 12 -3.02 31.07 -0.05
N VAL A 13 -4.29 31.15 0.37
CA VAL A 13 -4.60 31.56 1.74
C VAL A 13 -4.34 30.46 2.76
N LEU A 14 -4.10 29.22 2.34
CA LEU A 14 -3.62 28.18 3.23
C LEU A 14 -2.31 27.62 2.72
N GLY A 15 -1.28 27.69 3.57
CA GLY A 15 0.00 27.08 3.29
C GLY A 15 0.47 26.26 4.47
N LEU A 16 1.60 25.59 4.27
CA LEU A 16 2.21 24.74 5.29
C LEU A 16 3.51 25.38 5.77
N GLY A 17 3.62 25.59 7.08
CA GLY A 17 4.86 26.06 7.68
C GLY A 17 5.76 24.89 8.05
N VAL A 18 7.07 25.10 7.95
CA VAL A 18 8.02 24.00 8.16
C VAL A 18 8.95 24.25 9.34
N TRP A 19 8.71 25.30 10.14
CA TRP A 19 9.53 25.47 11.34
C TRP A 19 9.30 24.29 12.29
N ARG A 20 10.40 23.75 12.82
CA ARG A 20 10.43 22.64 13.78
C ARG A 20 10.03 21.31 13.17
N MET A 21 10.02 21.21 11.85
CA MET A 21 9.91 19.92 11.19
C MET A 21 11.27 19.22 11.23
N ASP A 22 11.30 18.00 11.76
CA ASP A 22 12.55 17.24 11.82
C ASP A 22 13.11 17.03 10.42
N ARG A 23 14.43 17.20 10.27
CA ARG A 23 15.01 17.06 8.93
C ARG A 23 14.82 15.64 8.37
N ASN A 24 14.67 14.65 9.23
CA ASN A 24 14.45 13.28 8.78
C ASN A 24 13.02 13.03 8.31
N GLU A 25 12.13 14.01 8.46
CA GLU A 25 10.73 13.85 8.11
C GLU A 25 10.19 14.89 7.14
N ILE A 26 10.91 16.00 6.91
CA ILE A 26 10.36 17.09 6.10
C ILE A 26 9.97 16.60 4.72
N LYS A 27 10.85 15.82 4.08
CA LYS A 27 10.67 15.52 2.67
C LYS A 27 9.43 14.65 2.47
N ASN A 28 9.18 13.71 3.38
CA ASN A 28 7.96 12.92 3.31
C ASN A 28 6.73 13.77 3.61
N LEU A 29 6.82 14.68 4.57
CA LEU A 29 5.69 15.53 4.90
C LEU A 29 5.34 16.44 3.73
N LEU A 30 6.36 17.01 3.07
CA LEU A 30 6.11 17.92 1.97
C LEU A 30 5.51 17.21 0.77
N LEU A 31 6.01 16.01 0.45
CA LEU A 31 5.43 15.24 -0.64
C LEU A 31 4.00 14.84 -0.31
N SER A 32 3.75 14.44 0.94
CA SER A 32 2.38 14.19 1.37
C SER A 32 1.51 15.43 1.19
N ALA A 33 2.00 16.59 1.64
CA ALA A 33 1.22 17.82 1.54
C ALA A 33 0.89 18.16 0.08
N ILE A 34 1.87 18.05 -0.80
CA ILE A 34 1.62 18.34 -2.21
C ILE A 34 0.58 17.39 -2.79
N ASN A 35 0.67 16.11 -2.43
CA ASN A 35 -0.35 15.16 -2.89
C ASN A 35 -1.73 15.53 -2.36
N LEU A 36 -1.82 16.05 -1.13
CA LEU A 36 -3.10 16.46 -0.57
C LEU A 36 -3.66 17.67 -1.29
N GLY A 37 -2.80 18.50 -1.89
CA GLY A 37 -3.25 19.73 -2.51
C GLY A 37 -2.56 20.97 -1.99
N TYR A 38 -1.62 20.88 -1.05
CA TYR A 38 -0.88 22.07 -0.61
C TYR A 38 -0.05 22.62 -1.75
N ARG A 39 -0.08 23.94 -1.93
CA ARG A 39 0.70 24.62 -2.95
C ARG A 39 1.52 25.77 -2.42
N HIS A 40 1.31 26.17 -1.17
CA HIS A 40 1.98 27.30 -0.54
C HIS A 40 2.78 26.76 0.63
N PHE A 41 4.09 27.04 0.65
CA PHE A 41 5.00 26.52 1.66
C PHE A 41 5.82 27.65 2.24
N ASP A 42 5.84 27.74 3.56
CA ASP A 42 6.52 28.82 4.26
C ASP A 42 7.80 28.28 4.86
N CYS A 43 8.93 28.75 4.36
CA CYS A 43 10.24 28.30 4.78
C CYS A 43 11.02 29.47 5.36
N ALA A 44 12.23 29.20 5.82
CA ALA A 44 13.14 30.26 6.24
C ALA A 44 14.54 29.68 6.24
N ALA A 45 15.52 30.53 5.89
CA ALA A 45 16.91 30.11 6.00
C ALA A 45 17.22 29.59 7.40
N ASP A 46 16.73 30.29 8.42
CA ASP A 46 17.08 29.97 9.79
C ASP A 46 16.30 28.78 10.36
N TYR A 47 15.40 28.17 9.60
CA TYR A 47 14.81 26.92 10.05
C TYR A 47 15.74 25.75 9.81
N LYS A 48 16.84 25.96 9.08
CA LYS A 48 17.94 25.01 8.91
C LYS A 48 17.53 23.76 8.12
N ASN A 49 16.45 23.83 7.35
CA ASN A 49 15.98 22.69 6.57
C ASN A 49 15.67 23.05 5.11
N GLU A 50 16.21 24.17 4.61
CA GLU A 50 15.99 24.53 3.21
C GLU A 50 16.50 23.43 2.27
N LEU A 51 17.62 22.81 2.61
CA LEU A 51 18.18 21.76 1.76
C LEU A 51 17.19 20.60 1.60
N GLU A 52 16.61 20.15 2.71
CA GLU A 52 15.66 19.05 2.65
C GLU A 52 14.37 19.47 1.96
N VAL A 53 13.97 20.73 2.11
CA VAL A 53 12.81 21.24 1.39
C VAL A 53 13.06 21.21 -0.11
N GLY A 54 14.23 21.70 -0.55
CA GLY A 54 14.55 21.70 -1.96
C GLY A 54 14.59 20.31 -2.55
N GLU A 55 15.06 19.33 -1.77
CA GLU A 55 15.08 17.95 -2.23
C GLU A 55 13.66 17.42 -2.43
N ALA A 56 12.75 17.76 -1.52
CA ALA A 56 11.36 17.35 -1.67
C ALA A 56 10.75 17.96 -2.93
N PHE A 57 10.96 19.26 -3.13
CA PHE A 57 10.38 19.93 -4.29
C PHE A 57 10.96 19.37 -5.59
N LYS A 58 12.28 19.18 -5.63
CA LYS A 58 12.93 18.57 -6.78
C LYS A 58 12.28 17.25 -7.16
N GLU A 59 12.06 16.37 -6.18
CA GLU A 59 11.42 15.09 -6.48
C GLU A 59 10.00 15.30 -6.95
N ALA A 60 9.28 16.28 -6.38
CA ALA A 60 7.94 16.57 -6.83
C ALA A 60 7.92 16.99 -8.29
N PHE A 61 8.90 17.80 -8.71
CA PHE A 61 8.96 18.25 -10.09
C PHE A 61 9.38 17.11 -11.01
N ASP A 62 10.38 16.32 -10.59
CA ASP A 62 10.92 15.29 -11.46
C ASP A 62 9.92 14.17 -11.70
N THR A 63 9.02 13.94 -10.74
CA THR A 63 7.99 12.91 -10.88
C THR A 63 6.68 13.46 -11.39
N ASP A 64 6.66 14.71 -11.86
CA ASP A 64 5.49 15.36 -12.43
C ASP A 64 4.33 15.45 -11.44
N LEU A 65 4.66 15.44 -10.15
CA LEU A 65 3.63 15.57 -9.12
C LEU A 65 2.98 16.96 -9.17
N VAL A 66 3.81 18.01 -9.26
CA VAL A 66 3.36 19.36 -9.57
C VAL A 66 4.40 20.05 -10.44
N LYS A 67 4.02 21.20 -10.98
CA LYS A 67 4.93 22.08 -11.68
C LYS A 67 5.30 23.27 -10.81
N ARG A 68 6.54 23.73 -10.97
CA ARG A 68 7.05 24.85 -10.18
C ARG A 68 6.09 26.04 -10.17
N GLU A 69 5.48 26.34 -11.33
CA GLU A 69 4.67 27.55 -11.45
C GLU A 69 3.40 27.50 -10.61
N ASP A 70 2.96 26.31 -10.20
CA ASP A 70 1.76 26.19 -9.38
C ASP A 70 2.08 26.17 -7.89
N LEU A 71 3.35 26.21 -7.52
CA LEU A 71 3.77 26.30 -6.12
C LEU A 71 4.05 27.75 -5.76
N PHE A 72 3.70 28.11 -4.53
CA PHE A 72 4.05 29.40 -3.94
C PHE A 72 5.04 29.13 -2.81
N ILE A 73 6.30 29.48 -3.03
CA ILE A 73 7.37 29.19 -2.09
C ILE A 73 7.86 30.49 -1.47
N THR A 74 7.82 30.55 -0.15
CA THR A 74 8.33 31.66 0.64
C THR A 74 9.57 31.22 1.41
N THR A 75 10.60 32.06 1.45
CA THR A 75 11.63 31.92 2.46
C THR A 75 12.00 33.31 2.95
N LYS A 76 12.95 33.37 3.89
CA LYS A 76 13.15 34.57 4.67
C LYS A 76 14.63 34.86 4.90
N LEU A 77 14.94 36.15 4.93
CA LEU A 77 16.27 36.68 5.23
C LEU A 77 16.48 36.69 6.75
N TRP A 78 17.49 35.96 7.22
CA TRP A 78 17.70 35.96 8.67
C TRP A 78 18.35 37.27 9.12
N ASN A 79 18.18 37.57 10.42
CA ASN A 79 18.75 38.77 11.02
C ASN A 79 20.23 38.93 10.77
N SER A 80 20.96 37.81 10.64
CA SER A 80 22.41 37.86 10.48
C SER A 80 22.84 38.30 9.09
N ASP A 81 21.89 38.48 8.17
CA ASP A 81 22.19 38.72 6.76
C ASP A 81 21.59 40.03 6.27
N HIS A 82 21.25 40.96 7.17
CA HIS A 82 20.67 42.22 6.74
C HIS A 82 21.65 43.06 5.92
N GLY A 83 22.96 42.80 6.05
CA GLY A 83 23.98 43.43 5.24
C GLY A 83 24.51 42.57 4.12
N HIS A 84 23.85 41.45 3.81
CA HIS A 84 24.26 40.53 2.74
C HIS A 84 23.03 39.99 2.04
N VAL A 85 22.12 40.89 1.64
CA VAL A 85 20.77 40.49 1.24
C VAL A 85 20.81 39.64 -0.03
N ILE A 86 21.43 40.17 -1.09
CA ILE A 86 21.40 39.47 -2.38
C ILE A 86 22.12 38.13 -2.28
N GLU A 87 23.23 38.08 -1.53
CA GLU A 87 24.00 36.85 -1.41
C GLU A 87 23.24 35.82 -0.58
N ALA A 88 22.52 36.27 0.45
CA ALA A 88 21.69 35.36 1.25
C ALA A 88 20.51 34.82 0.43
N CYS A 89 19.91 35.67 -0.40
CA CYS A 89 18.79 35.20 -1.22
C CYS A 89 19.27 34.14 -2.23
N LYS A 90 20.36 34.42 -2.92
CA LYS A 90 20.91 33.43 -3.85
C LYS A 90 21.27 32.13 -3.13
N ASN A 91 21.68 32.20 -1.86
CA ASN A 91 22.00 30.96 -1.15
C ASN A 91 20.74 30.17 -0.84
N SER A 92 19.67 30.86 -0.42
CA SER A 92 18.39 30.20 -0.24
C SER A 92 17.93 29.54 -1.53
N LEU A 93 18.05 30.27 -2.65
CA LEU A 93 17.67 29.71 -3.93
C LEU A 93 18.47 28.45 -4.25
N LYS A 94 19.74 28.42 -3.85
CA LYS A 94 20.58 27.28 -4.20
C LYS A 94 20.25 26.08 -3.32
N LYS A 95 20.01 26.30 -2.03
CA LYS A 95 19.61 25.20 -1.16
C LYS A 95 18.24 24.64 -1.56
N LEU A 96 17.30 25.52 -1.90
CA LEU A 96 15.97 25.12 -2.34
C LEU A 96 15.94 24.61 -3.77
N GLN A 97 17.04 24.76 -4.52
CA GLN A 97 17.17 24.31 -5.91
C GLN A 97 16.15 25.01 -6.82
N LEU A 98 15.95 26.30 -6.59
CA LEU A 98 14.98 27.09 -7.33
C LEU A 98 15.69 28.17 -8.15
N GLU A 99 15.03 28.59 -9.24
CA GLU A 99 15.50 29.73 -10.01
C GLU A 99 14.92 31.04 -9.52
N TYR A 100 13.74 31.00 -8.92
CA TYR A 100 13.10 32.19 -8.36
C TYR A 100 12.32 31.81 -7.13
N LEU A 101 12.09 32.80 -6.27
CA LEU A 101 11.20 32.68 -5.13
C LEU A 101 9.91 33.44 -5.41
N ASP A 102 8.80 32.91 -4.91
CA ASP A 102 7.54 33.64 -5.01
C ASP A 102 7.51 34.79 -4.01
N LEU A 103 8.06 34.57 -2.82
CA LEU A 103 8.03 35.56 -1.75
C LEU A 103 9.30 35.47 -0.93
N TYR A 104 9.92 36.62 -0.66
CA TYR A 104 11.11 36.70 0.18
C TYR A 104 10.85 37.75 1.25
N LEU A 105 11.00 37.36 2.52
CA LEU A 105 10.63 38.21 3.65
C LEU A 105 11.84 38.58 4.47
N ILE A 106 11.86 39.82 4.96
CA ILE A 106 12.74 40.15 6.08
C ILE A 106 12.16 39.48 7.32
N HIS A 107 12.93 38.56 7.91
CA HIS A 107 12.38 37.66 8.94
C HIS A 107 11.98 38.44 10.20
N PHE A 108 12.83 39.37 10.64
CA PHE A 108 12.57 40.21 11.80
C PHE A 108 13.09 41.61 11.49
N PRO A 109 12.51 42.64 12.12
CA PRO A 109 13.07 44.00 12.09
C PRO A 109 14.29 44.13 13.00
N MET A 110 15.17 43.13 12.94
CA MET A 110 16.38 43.00 13.74
C MET A 110 17.54 42.60 12.85
N ALA A 111 18.67 43.30 13.00
CA ALA A 111 19.92 42.90 12.39
C ALA A 111 20.89 42.51 13.49
N SER A 112 21.54 41.35 13.33
CA SER A 112 22.55 40.89 14.27
C SER A 112 23.83 40.52 13.52
N LYS A 113 24.86 40.19 14.28
CA LYS A 113 26.20 39.98 13.71
C LYS A 113 26.17 38.90 12.63
N HIS A 114 26.83 39.19 11.51
CA HIS A 114 26.84 38.25 10.39
C HIS A 114 27.57 36.98 10.77
N SER A 115 26.99 35.84 10.39
CA SER A 115 27.52 34.52 10.76
C SER A 115 27.88 33.67 9.55
N GLY A 116 27.93 34.26 8.37
CA GLY A 116 28.28 33.53 7.17
C GLY A 116 27.08 33.22 6.30
N ILE A 117 27.31 33.20 5.00
CA ILE A 117 26.24 32.92 4.04
C ILE A 117 25.91 31.43 4.05
N GLY A 118 24.63 31.12 4.22
CA GLY A 118 24.20 29.75 4.33
C GLY A 118 24.35 29.16 5.70
N THR A 119 24.80 29.96 6.68
CA THR A 119 25.04 29.49 8.03
C THR A 119 24.50 30.54 9.01
N THR A 120 23.21 30.80 8.92
CA THR A 120 22.59 31.82 9.76
C THR A 120 22.60 31.39 11.22
N ARG A 121 22.74 32.37 12.11
CA ARG A 121 22.86 32.14 13.53
C ARG A 121 22.55 33.44 14.24
N SER A 122 22.14 33.34 15.49
CA SER A 122 21.97 34.50 16.36
C SER A 122 23.12 34.49 17.35
N ILE A 123 24.22 35.14 16.97
CA ILE A 123 25.44 35.13 17.75
C ILE A 123 25.22 35.88 19.05
N LEU A 124 25.53 35.23 20.17
CA LEU A 124 25.40 35.85 21.49
C LEU A 124 26.76 36.29 22.02
N ASP A 125 26.74 37.35 22.82
CA ASP A 125 27.98 37.76 23.49
C ASP A 125 28.21 36.86 24.70
N ASP A 126 29.29 37.15 25.43
CA ASP A 126 29.70 36.28 26.52
C ASP A 126 28.70 36.27 27.66
N GLU A 127 27.80 37.26 27.72
CA GLU A 127 26.76 37.30 28.73
C GLU A 127 25.42 36.76 28.24
N GLY A 128 25.40 36.14 27.06
CA GLY A 128 24.19 35.55 26.54
C GLY A 128 23.25 36.53 25.86
N VAL A 129 23.72 37.71 25.48
CA VAL A 129 22.90 38.73 24.85
C VAL A 129 23.28 38.83 23.37
N LEU A 130 22.25 38.89 22.52
CA LEU A 130 22.44 38.97 21.07
C LEU A 130 23.46 40.05 20.69
N GLU A 131 24.36 39.70 19.78
CA GLU A 131 25.30 40.66 19.21
C GLU A 131 24.52 41.48 18.18
N VAL A 132 23.88 42.55 18.63
CA VAL A 132 23.01 43.32 17.75
C VAL A 132 23.87 44.18 16.83
N ASP A 133 23.47 44.24 15.56
CA ASP A 133 24.16 45.10 14.61
C ASP A 133 23.52 46.48 14.64
N THR A 134 24.35 47.53 14.65
CA THR A 134 23.87 48.91 14.66
C THR A 134 24.47 49.70 13.51
N THR A 135 24.68 49.03 12.37
CA THR A 135 25.20 49.67 11.18
C THR A 135 24.26 49.61 9.99
N ILE A 136 23.34 48.65 9.93
CA ILE A 136 22.49 48.43 8.77
C ILE A 136 21.06 48.80 9.15
N SER A 137 20.55 49.87 8.55
CA SER A 137 19.17 50.27 8.77
C SER A 137 18.20 49.30 8.08
N LEU A 138 16.97 49.25 8.59
CA LEU A 138 15.94 48.44 7.95
C LEU A 138 15.66 48.92 6.53
N GLU A 139 15.77 50.23 6.30
CA GLU A 139 15.54 50.75 4.95
C GLU A 139 16.64 50.27 4.01
N ALA A 140 17.89 50.29 4.47
CA ALA A 140 18.99 49.82 3.63
C ALA A 140 18.77 48.38 3.21
N THR A 141 18.35 47.53 4.16
CA THR A 141 18.02 46.15 3.84
C THR A 141 16.89 46.07 2.83
N TRP A 142 15.86 46.93 2.97
CA TRP A 142 14.73 46.87 2.06
C TRP A 142 15.12 47.25 0.63
N HIS A 143 16.00 48.24 0.48
CA HIS A 143 16.37 48.66 -0.87
C HIS A 143 17.17 47.57 -1.59
N GLU A 144 17.85 46.70 -0.83
CA GLU A 144 18.46 45.52 -1.44
C GLU A 144 17.39 44.48 -1.76
N MET A 145 16.36 44.36 -0.93
CA MET A 145 15.26 43.47 -1.25
C MET A 145 14.60 43.89 -2.56
N GLU A 146 14.51 45.20 -2.80
CA GLU A 146 13.90 45.69 -4.03
C GLU A 146 14.72 45.31 -5.27
N LYS A 147 16.03 45.16 -5.11
CA LYS A 147 16.85 44.74 -6.24
C LYS A 147 16.55 43.30 -6.64
N LEU A 148 16.20 42.45 -5.68
CA LEU A 148 15.91 41.06 -5.98
C LEU A 148 14.73 40.93 -6.94
N VAL A 149 13.76 41.85 -6.85
CA VAL A 149 12.66 41.86 -7.82
C VAL A 149 13.17 42.23 -9.20
N GLU A 150 13.99 43.28 -9.28
CA GLU A 150 14.46 43.72 -10.58
C GLU A 150 15.35 42.65 -11.22
N MET A 151 16.12 41.93 -10.39
CA MET A 151 16.98 40.87 -10.91
C MET A 151 16.21 39.61 -11.30
N GLY A 152 14.90 39.57 -11.08
CA GLY A 152 14.13 38.38 -11.39
C GLY A 152 14.31 37.23 -10.44
N LEU A 153 15.01 37.43 -9.32
CA LEU A 153 15.20 36.36 -8.35
C LEU A 153 13.98 36.16 -7.46
N VAL A 154 13.17 37.20 -7.29
CA VAL A 154 12.06 37.18 -6.35
C VAL A 154 10.87 37.88 -7.00
N ARG A 155 9.71 37.23 -6.97
CA ARG A 155 8.51 37.84 -7.53
C ARG A 155 7.96 38.92 -6.61
N SER A 156 7.79 38.60 -5.33
CA SER A 156 7.19 39.50 -4.35
C SER A 156 8.08 39.54 -3.11
N ILE A 157 8.18 40.70 -2.49
CA ILE A 157 9.01 40.90 -1.29
C ILE A 157 8.12 41.44 -0.17
N GLY A 158 8.52 41.12 1.05
CA GLY A 158 7.73 41.53 2.19
C GLY A 158 8.53 41.49 3.47
N ILE A 159 7.80 41.60 4.57
CA ILE A 159 8.37 41.78 5.89
C ILE A 159 7.69 40.80 6.83
N SER A 160 8.24 40.67 8.04
CA SER A 160 7.70 39.76 9.03
C SER A 160 7.91 40.38 10.41
N ASN A 161 6.89 40.29 11.25
CA ASN A 161 6.97 40.77 12.64
C ASN A 161 7.20 42.28 12.70
N TYR A 162 6.71 43.03 11.70
CA TYR A 162 6.71 44.49 11.76
C TYR A 162 5.40 44.95 12.39
N ASP A 163 5.52 45.82 13.40
CA ASP A 163 4.36 46.37 14.08
C ASP A 163 3.85 47.60 13.33
N VAL A 164 2.91 48.33 13.94
CA VAL A 164 2.33 49.50 13.26
C VAL A 164 3.40 50.54 12.96
N TYR A 165 4.29 50.81 13.92
CA TYR A 165 5.30 51.84 13.70
C TYR A 165 6.26 51.45 12.58
N LEU A 166 6.73 50.20 12.61
CA LEU A 166 7.69 49.76 11.60
C LEU A 166 7.04 49.66 10.23
N THR A 167 5.76 49.24 10.18
CA THR A 167 5.06 49.17 8.91
C THR A 167 4.84 50.57 8.32
N ARG A 168 4.48 51.53 9.17
CA ARG A 168 4.36 52.91 8.67
C ARG A 168 5.68 53.41 8.12
N ASP A 169 6.79 53.04 8.76
CA ASP A 169 8.09 53.52 8.31
C ASP A 169 8.45 52.95 6.94
N ILE A 170 8.25 51.65 6.74
CA ILE A 170 8.58 51.08 5.42
C ILE A 170 7.62 51.58 4.35
N LEU A 171 6.35 51.81 4.70
CA LEU A 171 5.45 52.47 3.75
C LEU A 171 6.00 53.81 3.30
N SER A 172 6.74 54.49 4.18
CA SER A 172 7.30 55.80 3.86
C SER A 172 8.52 55.68 2.95
N TYR A 173 9.46 54.78 3.25
CA TYR A 173 10.72 54.78 2.50
C TYR A 173 10.77 53.79 1.34
N SER A 174 9.82 52.88 1.24
CA SER A 174 9.87 51.86 0.19
C SER A 174 9.53 52.47 -1.16
N LYS A 175 10.17 51.95 -2.21
CA LYS A 175 9.75 52.26 -3.57
C LYS A 175 8.87 51.16 -4.15
N ILE A 176 9.22 49.91 -3.89
CA ILE A 176 8.29 48.80 -4.02
C ILE A 176 7.69 48.55 -2.64
N LYS A 177 6.38 48.70 -2.52
CA LYS A 177 5.74 48.53 -1.23
C LYS A 177 5.80 47.05 -0.83
N PRO A 178 5.91 46.76 0.47
CA PRO A 178 5.90 45.35 0.88
C PRO A 178 4.59 44.69 0.47
N ALA A 179 4.70 43.45 0.00
CA ALA A 179 3.51 42.72 -0.43
C ALA A 179 2.83 42.02 0.73
N VAL A 180 3.60 41.63 1.73
CA VAL A 180 3.16 40.78 2.82
C VAL A 180 3.82 41.27 4.09
N ASN A 181 3.06 41.25 5.18
CA ASN A 181 3.60 41.32 6.54
C ASN A 181 3.16 40.03 7.24
N GLN A 182 4.11 39.15 7.54
CA GLN A 182 3.81 37.89 8.20
C GLN A 182 3.98 38.09 9.70
N ILE A 183 2.86 38.03 10.43
CA ILE A 183 2.85 38.35 11.85
C ILE A 183 2.15 37.23 12.60
N GLU A 184 2.46 37.12 13.88
CA GLU A 184 1.70 36.22 14.73
C GLU A 184 0.29 36.75 14.92
N THR A 185 -0.71 35.93 14.59
CA THR A 185 -2.06 36.27 14.99
C THR A 185 -2.91 35.01 14.97
N HIS A 186 -3.84 34.93 15.92
CA HIS A 186 -4.65 33.75 16.20
C HIS A 186 -5.72 34.20 17.20
N PRO A 187 -6.65 33.33 17.61
CA PRO A 187 -7.74 33.82 18.46
C PRO A 187 -7.35 34.43 19.80
N TYR A 188 -6.18 34.10 20.35
CA TYR A 188 -5.78 34.73 21.60
C TYR A 188 -4.92 35.98 21.41
N PHE A 189 -4.61 36.36 20.15
CA PHE A 189 -3.74 37.48 19.79
C PHE A 189 -4.25 37.99 18.44
N GLN A 190 -5.40 38.68 18.46
CA GLN A 190 -6.12 38.98 17.22
C GLN A 190 -5.62 40.23 16.50
N ARG A 191 -5.00 41.18 17.22
CA ARG A 191 -4.25 42.29 16.64
C ARG A 191 -5.04 43.05 15.57
N ASP A 192 -6.30 43.35 15.87
CA ASP A 192 -7.18 44.00 14.89
C ASP A 192 -6.57 45.27 14.32
N SER A 193 -5.96 46.10 15.17
CA SER A 193 -5.44 47.39 14.72
C SER A 193 -4.33 47.22 13.68
N LEU A 194 -3.43 46.27 13.91
CA LEU A 194 -2.32 46.08 12.98
C LEU A 194 -2.79 45.49 11.65
N ILE A 195 -3.70 44.53 11.71
CA ILE A 195 -4.24 43.95 10.48
C ILE A 195 -5.00 45.01 9.68
N LYS A 196 -5.85 45.77 10.37
CA LYS A 196 -6.58 46.85 9.72
C LYS A 196 -5.64 47.85 9.05
N PHE A 197 -4.56 48.23 9.75
CA PHE A 197 -3.61 49.20 9.21
C PHE A 197 -2.94 48.65 7.96
N CYS A 198 -2.51 47.39 8.02
CA CYS A 198 -1.81 46.81 6.88
C CYS A 198 -2.74 46.70 5.69
N HIS A 199 -3.97 46.25 5.93
CA HIS A 199 -4.93 46.12 4.84
C HIS A 199 -5.26 47.46 4.22
N LYS A 200 -5.29 48.52 5.03
CA LYS A 200 -5.59 49.86 4.53
C LYS A 200 -4.62 50.27 3.44
N TYR A 201 -3.36 49.88 3.56
CA TYR A 201 -2.32 50.23 2.63
C TYR A 201 -1.95 49.08 1.69
N GLY A 202 -2.84 48.10 1.55
CA GLY A 202 -2.67 47.08 0.55
C GLY A 202 -1.66 46.01 0.86
N ILE A 203 -1.22 45.89 2.11
CA ILE A 203 -0.29 44.84 2.54
C ILE A 203 -1.09 43.63 3.01
N ALA A 204 -0.81 42.48 2.42
CA ALA A 204 -1.44 41.24 2.85
C ALA A 204 -0.90 40.81 4.20
N ILE A 205 -1.74 40.13 4.98
CA ILE A 205 -1.35 39.61 6.28
C ILE A 205 -1.25 38.09 6.15
N THR A 206 -0.08 37.54 6.48
CA THR A 206 0.05 36.11 6.71
C THR A 206 0.11 35.90 8.21
N ALA A 207 -0.74 35.02 8.71
CA ALA A 207 -0.81 34.71 10.13
C ALA A 207 0.16 33.58 10.42
N HIS A 208 1.33 33.91 10.96
CA HIS A 208 2.09 32.78 11.48
C HIS A 208 1.57 32.44 12.87
N THR A 209 1.98 31.26 13.36
CA THR A 209 1.48 30.71 14.61
C THR A 209 -0.06 30.71 14.55
N PRO A 210 -0.68 30.31 13.44
CA PRO A 210 -2.12 30.59 13.30
C PRO A 210 -3.01 29.75 14.18
N LEU A 211 -2.51 28.64 14.72
CA LEU A 211 -3.27 27.86 15.69
C LEU A 211 -3.02 28.32 17.12
N GLY A 212 -2.15 29.30 17.32
CA GLY A 212 -1.70 29.65 18.64
C GLY A 212 -0.52 28.85 19.13
N GLY A 213 0.06 28.00 18.28
CA GLY A 213 1.21 27.22 18.65
C GLY A 213 0.92 25.92 19.38
N ALA A 214 -0.31 25.74 19.86
CA ALA A 214 -0.75 24.52 20.53
C ALA A 214 0.20 24.09 21.64
N LEU A 215 0.42 22.77 21.76
CA LEU A 215 1.24 22.24 22.85
C LEU A 215 2.71 22.55 22.65
N ALA A 216 3.16 22.69 21.39
CA ALA A 216 4.56 23.02 21.15
C ALA A 216 4.91 24.38 21.76
N ASN A 217 4.02 25.36 21.64
CA ASN A 217 4.35 26.67 22.18
C ASN A 217 4.08 26.75 23.68
N THR A 218 3.16 25.94 24.21
CA THR A 218 3.06 25.83 25.67
C THR A 218 4.39 25.36 26.27
N GLU A 219 5.01 24.36 25.64
CA GLU A 219 6.28 23.85 26.15
C GLU A 219 7.42 24.85 25.89
N ARG A 220 7.47 25.41 24.69
CA ARG A 220 8.62 26.24 24.33
C ARG A 220 8.51 27.66 24.89
N PHE A 221 7.31 28.23 24.92
CA PHE A 221 7.11 29.61 25.30
C PHE A 221 6.25 29.81 26.53
N GLY A 222 5.55 28.78 26.99
CA GLY A 222 4.64 28.93 28.10
C GLY A 222 3.30 29.52 27.75
N SER A 223 2.91 29.49 26.48
CA SER A 223 1.64 30.08 26.10
C SER A 223 0.48 29.11 26.36
N VAL A 224 -0.72 29.68 26.42
CA VAL A 224 -1.95 28.91 26.57
C VAL A 224 -2.46 28.60 25.17
N SER A 225 -2.65 27.31 24.88
CA SER A 225 -3.22 26.93 23.59
C SER A 225 -4.71 27.25 23.57
N CYS A 226 -5.18 27.87 22.48
CA CYS A 226 -6.59 28.21 22.37
C CYS A 226 -7.45 27.04 21.94
N LEU A 227 -6.86 25.90 21.57
CA LEU A 227 -7.64 24.83 20.96
C LEU A 227 -8.59 24.15 21.94
N ASP A 228 -8.39 24.32 23.25
CA ASP A 228 -9.28 23.79 24.26
C ASP A 228 -10.37 24.77 24.69
N ASP A 229 -10.44 25.94 24.06
CA ASP A 229 -11.32 27.00 24.54
C ASP A 229 -12.79 26.56 24.43
N PRO A 230 -13.62 26.86 25.44
CA PRO A 230 -15.04 26.47 25.37
C PRO A 230 -15.78 27.01 24.15
N VAL A 231 -15.38 28.17 23.62
CA VAL A 231 -16.04 28.73 22.45
C VAL A 231 -15.82 27.83 21.24
N LEU A 232 -14.60 27.34 21.04
CA LEU A 232 -14.30 26.49 19.89
C LEU A 232 -14.90 25.11 20.05
N LYS A 233 -15.08 24.65 21.29
CA LYS A 233 -15.77 23.39 21.54
C LYS A 233 -17.21 23.46 21.05
N LYS A 234 -17.89 24.58 21.31
CA LYS A 234 -19.26 24.73 20.85
C LYS A 234 -19.31 24.87 19.32
N LEU A 235 -18.38 25.64 18.74
CA LEU A 235 -18.38 25.77 17.29
C LEU A 235 -17.99 24.47 16.61
N SER A 236 -17.16 23.65 17.27
CA SER A 236 -16.81 22.36 16.74
C SER A 236 -18.02 21.44 16.68
N ASP A 237 -18.80 21.40 17.77
CA ASP A 237 -20.04 20.62 17.77
C ASP A 237 -21.01 21.14 16.73
N LYS A 238 -21.01 22.44 16.47
CA LYS A 238 -21.95 23.03 15.53
C LYS A 238 -21.62 22.66 14.10
N HIS A 239 -20.34 22.70 13.73
CA HIS A 239 -19.92 22.54 12.36
C HIS A 239 -19.40 21.15 12.05
N ASN A 240 -19.31 20.29 13.06
CA ASN A 240 -18.67 18.98 12.93
C ASN A 240 -17.30 19.16 12.27
N LYS A 241 -16.55 20.11 12.81
CA LYS A 241 -15.17 20.40 12.43
C LYS A 241 -14.34 20.51 13.70
N SER A 242 -13.04 20.28 13.57
CA SER A 242 -12.21 20.34 14.76
C SER A 242 -11.98 21.79 15.19
N PRO A 243 -11.69 22.02 16.49
CA PRO A 243 -11.28 23.37 16.90
C PRO A 243 -10.20 23.97 16.01
N ALA A 244 -9.21 23.17 15.61
CA ALA A 244 -8.16 23.64 14.71
C ALA A 244 -8.74 24.10 13.38
N GLN A 245 -9.64 23.30 12.80
CA GLN A 245 -10.25 23.68 11.53
C GLN A 245 -11.06 24.97 11.68
N ILE A 246 -11.78 25.11 12.80
CA ILE A 246 -12.50 26.35 13.08
C ILE A 246 -11.55 27.53 13.10
N VAL A 247 -10.42 27.37 13.78
CA VAL A 247 -9.46 28.45 13.95
C VAL A 247 -8.86 28.85 12.61
N LEU A 248 -8.55 27.87 11.76
CA LEU A 248 -7.99 28.19 10.45
C LEU A 248 -9.04 28.83 9.54
N ARG A 249 -10.27 28.34 9.58
CA ARG A 249 -11.34 28.96 8.79
C ARG A 249 -11.57 30.40 9.24
N TRP A 250 -11.50 30.64 10.55
CA TRP A 250 -11.61 32.01 11.08
C TRP A 250 -10.53 32.90 10.47
N GLY A 251 -9.29 32.41 10.42
CA GLY A 251 -8.23 33.19 9.81
C GLY A 251 -8.52 33.53 8.36
N VAL A 252 -9.00 32.54 7.61
CA VAL A 252 -9.35 32.78 6.20
C VAL A 252 -10.42 33.84 6.08
N GLN A 253 -11.45 33.78 6.93
CA GLN A 253 -12.56 34.72 6.81
C GLN A 253 -12.18 36.12 7.30
N ARG A 254 -11.07 36.26 8.05
CA ARG A 254 -10.52 37.58 8.34
C ARG A 254 -9.68 38.13 7.18
N ASN A 255 -9.71 37.46 6.02
N ASN A 255 -9.70 37.47 6.01
CA ASN A 255 -8.97 37.88 4.84
CA ASN A 255 -8.96 37.93 4.85
C ASN A 255 -7.46 37.84 5.09
C ASN A 255 -7.45 37.87 5.11
N THR A 256 -7.02 36.85 5.86
CA THR A 256 -5.60 36.61 6.07
C THR A 256 -5.21 35.28 5.47
N ILE A 257 -3.90 35.11 5.31
CA ILE A 257 -3.29 33.88 4.85
C ILE A 257 -2.78 33.14 6.07
N VAL A 258 -3.02 31.83 6.11
N VAL A 258 -3.08 31.85 6.15
CA VAL A 258 -2.84 31.01 7.29
CA VAL A 258 -2.79 31.07 7.34
C VAL A 258 -1.84 29.90 6.96
C VAL A 258 -1.84 29.94 6.98
N ILE A 259 -0.79 29.76 7.77
CA ILE A 259 0.27 28.79 7.47
C ILE A 259 0.53 27.80 8.60
N PRO A 260 -0.45 26.97 8.97
CA PRO A 260 -0.22 26.05 10.09
C PRO A 260 0.81 24.98 9.77
N LYS A 261 1.52 24.55 10.81
CA LYS A 261 2.48 23.45 10.70
C LYS A 261 1.92 22.21 11.38
N SER A 262 2.06 21.06 10.72
CA SER A 262 1.90 19.78 11.40
C SER A 262 2.91 18.78 10.88
N SER A 263 3.39 17.93 11.77
CA SER A 263 4.27 16.82 11.43
C SER A 263 3.48 15.51 11.23
N LYS A 264 2.16 15.60 11.11
CA LYS A 264 1.29 14.44 11.01
C LYS A 264 0.45 14.57 9.75
N THR A 265 0.53 13.57 8.86
CA THR A 265 -0.13 13.66 7.58
C THR A 265 -1.65 13.76 7.72
N LYS A 266 -2.21 13.11 8.75
CA LYS A 266 -3.64 13.22 8.98
C LYS A 266 -4.04 14.64 9.34
N ARG A 267 -3.18 15.35 10.08
CA ARG A 267 -3.45 16.75 10.39
C ARG A 267 -3.21 17.64 9.19
N LEU A 268 -2.24 17.30 8.33
CA LEU A 268 -2.08 18.01 7.08
C LEU A 268 -3.39 18.00 6.29
N GLU A 269 -4.00 16.82 6.17
CA GLU A 269 -5.30 16.72 5.52
C GLU A 269 -6.36 17.52 6.26
N GLU A 270 -6.38 17.42 7.59
CA GLU A 270 -7.39 18.11 8.38
C GLU A 270 -7.30 19.61 8.21
N ASN A 271 -6.08 20.16 8.26
CA ASN A 271 -5.90 21.60 8.19
C ASN A 271 -6.24 22.16 6.81
N LEU A 272 -6.06 21.37 5.76
CA LEU A 272 -6.42 21.83 4.42
C LEU A 272 -7.92 21.73 4.13
N ASN A 273 -8.66 20.95 4.93
CA ASN A 273 -10.08 20.72 4.69
C ASN A 273 -10.92 21.77 5.43
N ILE A 274 -10.77 23.02 4.99
CA ILE A 274 -11.50 24.11 5.62
C ILE A 274 -12.25 24.96 4.60
N PHE A 275 -12.41 24.45 3.39
CA PHE A 275 -13.12 25.20 2.35
C PHE A 275 -14.47 24.58 2.01
N ASP A 276 -14.98 23.71 2.88
CA ASP A 276 -16.26 23.06 2.72
C ASP A 276 -17.30 23.55 3.72
N PHE A 277 -16.96 24.56 4.52
CA PHE A 277 -17.91 25.14 5.46
C PHE A 277 -17.60 26.63 5.60
N GLU A 278 -18.47 27.34 6.29
CA GLU A 278 -18.23 28.74 6.58
C GLU A 278 -18.74 29.07 7.99
N LEU A 279 -18.02 29.96 8.65
CA LEU A 279 -18.45 30.47 9.94
C LEU A 279 -19.43 31.62 9.74
N SER A 280 -20.52 31.60 10.50
CA SER A 280 -21.51 32.67 10.41
C SER A 280 -20.97 33.94 11.06
N LYS A 281 -21.68 35.05 10.82
CA LYS A 281 -21.33 36.30 11.49
C LYS A 281 -21.33 36.13 13.00
N GLU A 282 -22.30 35.39 13.53
CA GLU A 282 -22.35 35.16 14.97
C GLU A 282 -21.20 34.27 15.42
N ASP A 283 -20.83 33.27 14.62
CA ASP A 283 -19.65 32.46 14.94
C ASP A 283 -18.41 33.34 15.05
N MET A 284 -18.20 34.23 14.09
CA MET A 284 -17.02 35.08 14.16
C MET A 284 -17.06 36.05 15.32
N GLU A 285 -18.25 36.53 15.70
CA GLU A 285 -18.30 37.38 16.87
C GLU A 285 -18.02 36.60 18.15
N LEU A 286 -18.39 35.32 18.20
CA LEU A 286 -18.02 34.51 19.36
C LEU A 286 -16.51 34.30 19.44
N ILE A 287 -15.86 34.06 18.30
CA ILE A 287 -14.41 33.94 18.32
C ILE A 287 -13.76 35.27 18.69
N LYS A 288 -14.38 36.39 18.32
CA LYS A 288 -13.86 37.69 18.71
C LYS A 288 -13.74 37.81 20.23
N THR A 289 -14.65 37.18 20.98
CA THR A 289 -14.56 37.23 22.44
C THR A 289 -13.31 36.58 23.00
N MET A 290 -12.68 35.66 22.24
CA MET A 290 -11.52 34.96 22.77
C MET A 290 -10.29 35.85 22.85
N GLU A 291 -10.32 37.04 22.24
CA GLU A 291 -9.19 37.97 22.27
C GLU A 291 -8.69 38.20 23.68
N ARG A 292 -7.40 37.91 23.88
CA ARG A 292 -6.76 38.25 25.15
C ARG A 292 -5.46 39.03 24.94
N ASN A 293 -5.11 39.37 23.69
CA ASN A 293 -3.93 40.18 23.39
C ASN A 293 -2.68 39.58 24.01
N GLN A 294 -2.50 38.29 23.79
CA GLN A 294 -1.42 37.54 24.43
C GLN A 294 -0.57 36.87 23.35
N ARG A 295 0.62 37.42 23.14
CA ARG A 295 1.60 36.86 22.23
C ARG A 295 2.10 35.52 22.75
N SER A 296 2.24 34.54 21.85
CA SER A 296 2.79 33.24 22.17
C SER A 296 4.28 33.14 21.84
N ASN A 297 4.64 33.45 20.60
CA ASN A 297 6.01 33.27 20.12
C ASN A 297 6.80 34.54 20.42
N THR A 298 7.88 34.39 21.19
CA THR A 298 8.82 35.48 21.41
C THR A 298 10.25 34.97 21.41
N PRO A 299 11.15 35.68 20.73
CA PRO A 299 12.57 35.29 20.72
C PRO A 299 13.37 35.77 21.92
N ALA A 300 12.68 36.29 22.95
CA ALA A 300 13.35 36.91 24.08
C ALA A 300 14.41 35.99 24.70
N LYS A 301 14.05 34.73 24.95
CA LYS A 301 15.00 33.82 25.58
C LYS A 301 16.15 33.50 24.62
N ALA A 302 15.84 33.28 23.34
CA ALA A 302 16.88 32.94 22.37
C ALA A 302 17.90 34.07 22.21
N TRP A 303 17.45 35.32 22.29
CA TRP A 303 18.31 36.46 22.06
C TRP A 303 18.79 37.12 23.34
N GLY A 304 18.26 36.74 24.50
CA GLY A 304 18.65 37.40 25.72
C GLY A 304 18.20 38.84 25.81
N ILE A 305 17.22 39.22 25.00
CA ILE A 305 16.67 40.58 24.96
C ILE A 305 15.16 40.44 24.77
N ASP A 306 14.38 40.99 25.67
CA ASP A 306 12.93 41.08 25.42
C ASP A 306 12.70 42.23 24.47
N VAL A 307 12.65 41.91 23.18
CA VAL A 307 12.41 42.92 22.16
C VAL A 307 11.03 43.54 22.28
N TYR A 308 10.12 42.92 23.02
CA TYR A 308 8.78 43.47 23.23
C TYR A 308 8.68 44.24 24.54
N ALA A 309 9.81 44.56 25.15
CA ALA A 309 9.83 45.28 26.42
C ALA A 309 9.33 46.71 26.27
N MET B 1 -24.76 2.64 -27.39
CA MET B 1 -24.06 1.39 -27.67
C MET B 1 -23.25 0.97 -26.45
N ALA B 2 -23.46 -0.28 -26.02
CA ALA B 2 -22.86 -0.78 -24.80
C ALA B 2 -22.43 -2.23 -24.99
N ILE B 3 -21.45 -2.64 -24.21
CA ILE B 3 -21.02 -4.02 -24.14
C ILE B 3 -21.56 -4.64 -22.86
N THR B 4 -22.05 -5.87 -22.96
CA THR B 4 -22.56 -6.59 -21.80
C THR B 4 -21.40 -7.31 -21.11
N LEU B 5 -21.12 -6.94 -19.87
CA LEU B 5 -20.05 -7.58 -19.13
C LEU B 5 -20.49 -8.97 -18.65
N ASN B 6 -19.50 -9.79 -18.29
CA ASN B 6 -19.81 -11.12 -17.78
C ASN B 6 -20.54 -11.06 -16.43
N SER B 7 -20.54 -9.90 -15.79
CA SER B 7 -21.37 -9.64 -14.61
C SER B 7 -22.83 -9.42 -14.96
N GLY B 8 -23.16 -9.28 -16.25
CA GLY B 8 -24.51 -9.04 -16.68
C GLY B 8 -24.85 -7.59 -16.89
N PHE B 9 -23.97 -6.66 -16.52
CA PHE B 9 -24.34 -5.26 -16.66
C PHE B 9 -23.78 -4.69 -17.95
N LYS B 10 -24.48 -3.70 -18.49
CA LYS B 10 -24.09 -3.09 -19.76
C LYS B 10 -23.18 -1.90 -19.49
N MET B 11 -22.12 -1.80 -20.29
CA MET B 11 -21.13 -0.75 -20.10
C MET B 11 -20.95 0.02 -21.40
N PRO B 12 -21.27 1.32 -21.42
CA PRO B 12 -21.26 2.07 -22.67
C PRO B 12 -19.88 2.08 -23.31
N VAL B 13 -19.84 1.85 -24.62
CA VAL B 13 -18.56 1.67 -25.30
C VAL B 13 -17.77 2.96 -25.41
N LEU B 14 -18.40 4.11 -25.17
CA LEU B 14 -17.70 5.38 -25.16
C LEU B 14 -17.87 6.01 -23.78
N GLY B 15 -16.76 6.37 -23.15
CA GLY B 15 -16.77 7.07 -21.89
C GLY B 15 -15.79 8.24 -21.89
N LEU B 16 -15.82 8.98 -20.80
CA LEU B 16 -14.94 10.14 -20.61
C LEU B 16 -13.99 9.86 -19.46
N GLY B 17 -12.68 9.92 -19.73
CA GLY B 17 -11.69 9.86 -18.68
C GLY B 17 -11.40 11.23 -18.10
N VAL B 18 -11.06 11.26 -16.81
CA VAL B 18 -10.90 12.52 -16.09
C VAL B 18 -9.47 12.71 -15.57
N TRP B 19 -8.54 11.83 -15.92
CA TRP B 19 -7.16 12.03 -15.51
C TRP B 19 -6.63 13.32 -16.13
N ARG B 20 -5.98 14.14 -15.30
CA ARG B 20 -5.28 15.36 -15.69
C ARG B 20 -6.20 16.50 -16.10
N MET B 21 -7.50 16.43 -15.80
CA MET B 21 -8.32 17.62 -16.00
C MET B 21 -7.95 18.70 -14.98
N ASP B 22 -8.03 19.95 -15.42
CA ASP B 22 -7.87 21.07 -14.51
C ASP B 22 -8.96 21.04 -13.46
N ARG B 23 -8.55 21.06 -12.20
CA ARG B 23 -9.50 20.87 -11.12
C ARG B 23 -10.49 22.02 -11.01
N ASN B 24 -10.09 23.23 -11.41
CA ASN B 24 -11.04 24.33 -11.45
C ASN B 24 -12.06 24.18 -12.58
N GLU B 25 -11.99 23.11 -13.37
CA GLU B 25 -12.77 22.97 -14.58
C GLU B 25 -13.57 21.68 -14.65
N ILE B 26 -13.32 20.71 -13.76
CA ILE B 26 -13.97 19.41 -13.85
C ILE B 26 -15.48 19.55 -13.86
N LYS B 27 -16.00 20.53 -13.11
CA LYS B 27 -17.44 20.62 -12.93
C LYS B 27 -18.15 21.02 -14.22
N ASN B 28 -17.62 22.05 -14.90
CA ASN B 28 -18.20 22.47 -16.18
C ASN B 28 -18.17 21.34 -17.20
N LEU B 29 -17.07 20.57 -17.23
CA LEU B 29 -16.89 19.58 -18.27
C LEU B 29 -17.86 18.41 -18.12
N LEU B 30 -17.97 17.89 -16.89
CA LEU B 30 -18.81 16.71 -16.69
C LEU B 30 -20.28 17.04 -16.88
N LEU B 31 -20.72 18.23 -16.45
CA LEU B 31 -22.08 18.65 -16.75
C LEU B 31 -22.26 18.79 -18.26
N SER B 32 -21.29 19.41 -18.94
CA SER B 32 -21.32 19.48 -20.39
C SER B 32 -21.35 18.09 -21.00
N ALA B 33 -20.47 17.20 -20.54
CA ALA B 33 -20.41 15.85 -21.08
C ALA B 33 -21.72 15.11 -20.87
N ILE B 34 -22.26 15.15 -19.66
CA ILE B 34 -23.56 14.55 -19.41
C ILE B 34 -24.59 15.13 -20.36
N ASN B 35 -24.58 16.46 -20.49
CA ASN B 35 -25.60 17.14 -21.27
C ASN B 35 -25.45 16.83 -22.76
N LEU B 36 -24.25 16.42 -23.20
CA LEU B 36 -24.05 15.98 -24.57
C LEU B 36 -24.45 14.54 -24.80
N GLY B 37 -24.45 13.70 -23.76
CA GLY B 37 -24.84 12.32 -23.95
C GLY B 37 -23.85 11.31 -23.37
N TYR B 38 -22.77 11.79 -22.76
CA TYR B 38 -21.87 10.89 -22.06
C TYR B 38 -22.55 10.27 -20.86
N ARG B 39 -22.40 8.95 -20.70
CA ARG B 39 -22.94 8.25 -19.54
C ARG B 39 -21.90 7.41 -18.81
N HIS B 40 -20.73 7.21 -19.40
CA HIS B 40 -19.67 6.40 -18.82
C HIS B 40 -18.53 7.34 -18.47
N PHE B 41 -18.09 7.29 -17.22
CA PHE B 41 -17.05 8.19 -16.72
C PHE B 41 -15.99 7.37 -16.01
N ASP B 42 -14.74 7.52 -16.44
CA ASP B 42 -13.64 6.74 -15.89
C ASP B 42 -12.87 7.61 -14.91
N CYS B 43 -12.82 7.18 -13.65
CA CYS B 43 -12.22 7.92 -12.56
C CYS B 43 -11.16 7.05 -11.89
N ALA B 44 -10.47 7.63 -10.92
CA ALA B 44 -9.52 6.88 -10.09
C ALA B 44 -9.25 7.67 -8.83
N ALA B 45 -8.99 6.95 -7.74
CA ALA B 45 -8.66 7.63 -6.48
C ALA B 45 -7.40 8.48 -6.65
N ASP B 46 -6.41 7.97 -7.38
CA ASP B 46 -5.13 8.64 -7.50
C ASP B 46 -5.14 9.76 -8.54
N TYR B 47 -6.27 10.02 -9.20
CA TYR B 47 -6.34 11.21 -10.03
C TYR B 47 -6.53 12.47 -9.19
N LYS B 48 -6.87 12.32 -7.91
CA LYS B 48 -6.96 13.40 -6.95
C LYS B 48 -8.12 14.36 -7.22
N ASN B 49 -9.14 13.93 -7.97
CA ASN B 49 -10.25 14.81 -8.30
C ASN B 49 -11.62 14.13 -8.10
N GLU B 50 -11.69 13.09 -7.28
CA GLU B 50 -12.97 12.40 -7.05
C GLU B 50 -13.99 13.32 -6.40
N LEU B 51 -13.56 14.20 -5.49
CA LEU B 51 -14.51 15.12 -4.87
C LEU B 51 -15.16 16.04 -5.91
N GLU B 52 -14.36 16.59 -6.83
CA GLU B 52 -14.93 17.50 -7.82
C GLU B 52 -15.79 16.75 -8.83
N VAL B 53 -15.36 15.54 -9.19
CA VAL B 53 -16.24 14.65 -9.94
C VAL B 53 -17.53 14.42 -9.16
N GLY B 54 -17.41 14.19 -7.85
CA GLY B 54 -18.59 13.98 -7.04
C GLY B 54 -19.49 15.20 -6.98
N GLU B 55 -18.90 16.39 -6.87
CA GLU B 55 -19.70 17.60 -6.86
C GLU B 55 -20.44 17.78 -8.19
N ALA B 56 -19.76 17.52 -9.30
CA ALA B 56 -20.41 17.61 -10.60
C ALA B 56 -21.55 16.62 -10.72
N PHE B 57 -21.33 15.38 -10.25
CA PHE B 57 -22.38 14.38 -10.31
C PHE B 57 -23.57 14.75 -9.42
N LYS B 58 -23.30 15.27 -8.21
CA LYS B 58 -24.39 15.69 -7.33
C LYS B 58 -25.20 16.82 -7.97
N GLU B 59 -24.52 17.88 -8.44
CA GLU B 59 -25.24 18.96 -9.09
C GLU B 59 -25.99 18.46 -10.32
N ALA B 60 -25.39 17.52 -11.06
CA ALA B 60 -26.11 16.85 -12.13
C ALA B 60 -27.33 16.14 -11.58
N PHE B 61 -27.19 15.45 -10.45
CA PHE B 61 -28.33 14.73 -9.88
C PHE B 61 -29.34 15.70 -9.28
N ASP B 62 -28.86 16.68 -8.52
CA ASP B 62 -29.75 17.63 -7.83
C ASP B 62 -30.66 18.34 -8.81
N THR B 63 -30.15 18.74 -9.97
CA THR B 63 -30.90 19.52 -10.95
C THR B 63 -31.56 18.65 -12.02
N ASP B 64 -31.53 17.33 -11.84
CA ASP B 64 -32.26 16.41 -12.72
C ASP B 64 -31.79 16.44 -14.17
N LEU B 65 -30.46 16.49 -14.38
CA LEU B 65 -29.93 16.38 -15.74
C LEU B 65 -29.83 14.93 -16.18
N VAL B 66 -29.65 14.02 -15.21
CA VAL B 66 -29.50 12.60 -15.48
C VAL B 66 -29.84 11.89 -14.18
N LYS B 67 -30.23 10.62 -14.28
CA LYS B 67 -30.44 9.78 -13.11
C LYS B 67 -29.23 8.89 -12.88
N ARG B 68 -29.15 8.33 -11.66
CA ARG B 68 -27.93 7.61 -11.27
C ARG B 68 -27.82 6.25 -11.95
N GLU B 69 -28.93 5.49 -12.06
CA GLU B 69 -28.99 4.37 -13.00
C GLU B 69 -28.24 4.65 -14.29
N ASP B 70 -28.50 5.81 -14.87
CA ASP B 70 -28.11 6.06 -16.25
C ASP B 70 -26.62 6.33 -16.42
N LEU B 71 -25.89 6.53 -15.33
CA LEU B 71 -24.45 6.68 -15.40
C LEU B 71 -23.76 5.34 -15.16
N PHE B 72 -22.62 5.17 -15.83
CA PHE B 72 -21.69 4.08 -15.55
C PHE B 72 -20.42 4.72 -15.00
N ILE B 73 -20.19 4.57 -13.71
CA ILE B 73 -19.11 5.27 -13.02
C ILE B 73 -18.07 4.25 -12.56
N THR B 74 -16.84 4.45 -12.98
CA THR B 74 -15.70 3.60 -12.63
C THR B 74 -14.74 4.41 -11.75
N THR B 75 -14.20 3.77 -10.72
CA THR B 75 -12.99 4.31 -10.11
C THR B 75 -12.07 3.14 -9.80
N LYS B 76 -10.92 3.44 -9.18
CA LYS B 76 -9.82 2.50 -9.15
C LYS B 76 -9.11 2.51 -7.80
N LEU B 77 -8.68 1.32 -7.39
CA LEU B 77 -7.89 1.09 -6.19
C LEU B 77 -6.42 1.40 -6.48
N TRP B 78 -5.88 2.41 -5.80
CA TRP B 78 -4.49 2.75 -6.07
C TRP B 78 -3.55 1.73 -5.44
N ASN B 79 -2.30 1.69 -5.95
CA ASN B 79 -1.30 0.73 -5.51
C ASN B 79 -1.04 0.80 -4.02
N SER B 80 -1.19 1.99 -3.42
CA SER B 80 -0.90 2.10 -1.99
C SER B 80 -2.00 1.49 -1.12
N ASP B 81 -3.10 1.02 -1.73
CA ASP B 81 -4.26 0.55 -0.98
C ASP B 81 -4.56 -0.92 -1.24
N HIS B 82 -3.58 -1.68 -1.75
CA HIS B 82 -3.81 -3.11 -2.01
C HIS B 82 -4.05 -3.90 -0.72
N GLY B 83 -3.68 -3.36 0.44
CA GLY B 83 -4.01 -3.95 1.72
C GLY B 83 -5.11 -3.26 2.49
N HIS B 84 -5.82 -2.31 1.88
CA HIS B 84 -6.94 -1.60 2.49
C HIS B 84 -8.05 -1.45 1.46
N VAL B 85 -8.44 -2.55 0.83
CA VAL B 85 -9.33 -2.49 -0.34
C VAL B 85 -10.67 -1.88 0.04
N ILE B 86 -11.34 -2.46 1.05
CA ILE B 86 -12.69 -2.03 1.39
C ILE B 86 -12.69 -0.60 1.92
N GLU B 87 -11.68 -0.23 2.71
CA GLU B 87 -11.62 1.15 3.20
C GLU B 87 -11.38 2.13 2.06
N ALA B 88 -10.55 1.75 1.09
CA ALA B 88 -10.31 2.61 -0.06
C ALA B 88 -11.53 2.72 -0.95
N CYS B 89 -12.26 1.63 -1.14
CA CYS B 89 -13.50 1.71 -1.93
C CYS B 89 -14.53 2.60 -1.25
N LYS B 90 -14.67 2.48 0.06
CA LYS B 90 -15.62 3.35 0.76
C LYS B 90 -15.17 4.80 0.72
N ASN B 91 -13.87 5.07 0.73
CA ASN B 91 -13.42 6.45 0.63
C ASN B 91 -13.77 7.04 -0.73
N SER B 92 -13.57 6.26 -1.80
CA SER B 92 -13.95 6.72 -3.12
C SER B 92 -15.44 7.01 -3.19
N LEU B 93 -16.26 6.08 -2.70
CA LEU B 93 -17.71 6.31 -2.64
C LEU B 93 -18.02 7.60 -1.87
N LYS B 94 -17.32 7.83 -0.76
CA LYS B 94 -17.54 9.06 0.01
C LYS B 94 -17.22 10.30 -0.81
N LYS B 95 -16.02 10.34 -1.40
CA LYS B 95 -15.63 11.53 -2.17
C LYS B 95 -16.51 11.71 -3.40
N LEU B 96 -16.91 10.62 -4.05
CA LEU B 96 -17.79 10.72 -5.20
C LEU B 96 -19.24 10.95 -4.81
N GLN B 97 -19.56 10.95 -3.52
CA GLN B 97 -20.92 11.10 -3.01
C GLN B 97 -21.87 10.07 -3.63
N LEU B 98 -21.37 8.85 -3.79
CA LEU B 98 -22.15 7.76 -4.37
C LEU B 98 -22.43 6.67 -3.33
N GLU B 99 -23.49 5.92 -3.60
CA GLU B 99 -23.83 4.75 -2.80
C GLU B 99 -23.23 3.47 -3.37
N TYR B 100 -23.10 3.38 -4.69
CA TYR B 100 -22.50 2.22 -5.33
C TYR B 100 -21.67 2.68 -6.53
N LEU B 101 -20.70 1.85 -6.89
CA LEU B 101 -19.91 2.02 -8.11
C LEU B 101 -20.34 0.99 -9.13
N ASP B 102 -20.39 1.40 -10.39
CA ASP B 102 -20.68 0.44 -11.46
C ASP B 102 -19.49 -0.48 -11.70
N LEU B 103 -18.27 0.06 -11.59
CA LEU B 103 -17.05 -0.71 -11.85
C LEU B 103 -15.95 -0.22 -10.93
N TYR B 104 -15.24 -1.15 -10.29
CA TYR B 104 -14.10 -0.86 -9.45
C TYR B 104 -12.94 -1.72 -9.91
N LEU B 105 -11.81 -1.08 -10.22
CA LEU B 105 -10.68 -1.77 -10.82
C LEU B 105 -9.47 -1.70 -9.90
N ILE B 106 -8.69 -2.79 -9.88
CA ILE B 106 -7.32 -2.71 -9.39
C ILE B 106 -6.51 -1.92 -10.42
N HIS B 107 -5.97 -0.76 -9.99
CA HIS B 107 -5.39 0.19 -10.95
C HIS B 107 -4.16 -0.39 -11.65
N PHE B 108 -3.29 -1.05 -10.90
CA PHE B 108 -2.07 -1.67 -11.41
C PHE B 108 -1.86 -2.99 -10.68
N PRO B 109 -1.21 -3.97 -11.31
CA PRO B 109 -0.76 -5.17 -10.61
C PRO B 109 0.49 -4.89 -9.76
N MET B 110 0.46 -3.80 -9.01
CA MET B 110 1.58 -3.35 -8.20
C MET B 110 1.04 -2.86 -6.87
N ALA B 111 1.67 -3.25 -5.78
CA ALA B 111 1.34 -2.75 -4.45
C ALA B 111 2.53 -1.95 -3.94
N SER B 112 2.25 -0.76 -3.41
CA SER B 112 3.28 0.10 -2.86
C SER B 112 2.88 0.49 -1.44
N LYS B 113 3.82 1.13 -0.74
CA LYS B 113 3.64 1.45 0.67
C LYS B 113 2.36 2.26 0.88
N HIS B 114 1.54 1.81 1.82
CA HIS B 114 0.30 2.51 2.13
C HIS B 114 0.56 3.93 2.61
N SER B 115 -0.20 4.87 2.08
CA SER B 115 0.00 6.30 2.35
C SER B 115 -1.21 6.94 3.03
N GLY B 116 -2.16 6.14 3.48
CA GLY B 116 -3.35 6.66 4.14
C GLY B 116 -4.57 6.58 3.23
N ILE B 117 -5.73 6.32 3.85
CA ILE B 117 -6.98 6.27 3.11
C ILE B 117 -7.38 7.67 2.65
N GLY B 118 -7.75 7.78 1.38
CA GLY B 118 -8.10 9.06 0.81
C GLY B 118 -6.93 9.96 0.48
N THR B 119 -5.70 9.50 0.71
CA THR B 119 -4.51 10.29 0.48
C THR B 119 -3.50 9.41 -0.25
N THR B 120 -3.84 8.97 -1.46
CA THR B 120 -3.02 8.02 -2.19
C THR B 120 -1.78 8.70 -2.75
N ARG B 121 -0.71 7.92 -2.83
N ARG B 121 -0.71 7.92 -2.83
CA ARG B 121 0.60 8.42 -3.22
CA ARG B 121 0.60 8.44 -3.25
C ARG B 121 1.48 7.23 -3.57
C ARG B 121 1.50 7.25 -3.54
N SER B 122 2.44 7.45 -4.46
CA SER B 122 3.49 6.47 -4.76
C SER B 122 4.74 6.90 -4.01
N ILE B 123 5.05 6.22 -2.91
CA ILE B 123 6.12 6.65 -2.02
C ILE B 123 7.45 6.12 -2.54
N LEU B 124 8.41 7.04 -2.71
CA LEU B 124 9.74 6.71 -3.19
C LEU B 124 10.73 6.72 -2.05
N ASP B 125 11.77 5.88 -2.16
CA ASP B 125 12.84 5.88 -1.18
C ASP B 125 13.83 7.00 -1.51
N ASP B 126 14.98 7.00 -0.82
CA ASP B 126 15.92 8.11 -0.92
C ASP B 126 16.61 8.18 -2.28
N GLU B 127 16.71 7.07 -3.00
CA GLU B 127 17.27 7.07 -4.35
C GLU B 127 16.21 7.32 -5.42
N GLY B 128 14.97 7.57 -5.01
CA GLY B 128 13.91 7.82 -5.96
C GLY B 128 13.22 6.58 -6.49
N VAL B 129 13.32 5.45 -5.78
CA VAL B 129 12.78 4.18 -6.26
C VAL B 129 11.56 3.83 -5.43
N LEU B 130 10.49 3.41 -6.10
CA LEU B 130 9.22 3.09 -5.44
C LEU B 130 9.42 2.15 -4.26
N GLU B 131 8.74 2.46 -3.17
CA GLU B 131 8.74 1.61 -1.97
C GLU B 131 7.74 0.50 -2.19
N VAL B 132 8.20 -0.59 -2.79
CA VAL B 132 7.30 -1.65 -3.23
C VAL B 132 6.91 -2.51 -2.04
N ASP B 133 5.64 -2.88 -1.97
CA ASP B 133 5.14 -3.81 -0.97
C ASP B 133 5.33 -5.24 -1.48
N THR B 134 5.88 -6.10 -0.61
CA THR B 134 6.05 -7.51 -0.93
C THR B 134 5.31 -8.38 0.08
N THR B 135 4.18 -7.90 0.60
CA THR B 135 3.41 -8.65 1.59
C THR B 135 1.99 -8.96 1.15
N ILE B 136 1.42 -8.23 0.20
CA ILE B 136 0.04 -8.43 -0.24
C ILE B 136 0.07 -8.99 -1.65
N SER B 137 -0.40 -10.22 -1.82
CA SER B 137 -0.49 -10.78 -3.16
C SER B 137 -1.65 -10.16 -3.93
N LEU B 138 -1.54 -10.23 -5.26
CA LEU B 138 -2.63 -9.76 -6.10
C LEU B 138 -3.91 -10.56 -5.86
N GLU B 139 -3.78 -11.85 -5.56
CA GLU B 139 -4.98 -12.64 -5.27
C GLU B 139 -5.63 -12.20 -3.96
N ALA B 140 -4.83 -11.90 -2.94
CA ALA B 140 -5.40 -11.43 -1.68
C ALA B 140 -6.17 -10.14 -1.88
N THR B 141 -5.61 -9.22 -2.68
CA THR B 141 -6.34 -8.00 -3.01
C THR B 141 -7.65 -8.32 -3.74
N TRP B 142 -7.61 -9.28 -4.67
CA TRP B 142 -8.81 -9.60 -5.44
C TRP B 142 -9.91 -10.20 -4.57
N HIS B 143 -9.55 -11.08 -3.63
CA HIS B 143 -10.59 -11.66 -2.79
C HIS B 143 -11.27 -10.60 -1.92
N GLU B 144 -10.58 -9.50 -1.63
CA GLU B 144 -11.26 -8.37 -0.99
C GLU B 144 -12.13 -7.63 -1.98
N MET B 145 -11.69 -7.49 -3.23
CA MET B 145 -12.53 -6.85 -4.24
C MET B 145 -13.84 -7.63 -4.40
N GLU B 146 -13.77 -8.96 -4.31
CA GLU B 146 -14.97 -9.78 -4.43
C GLU B 146 -15.97 -9.50 -3.32
N LYS B 147 -15.48 -9.10 -2.14
CA LYS B 147 -16.39 -8.77 -1.04
C LYS B 147 -17.24 -7.56 -1.37
N LEU B 148 -16.67 -6.60 -2.10
CA LEU B 148 -17.42 -5.38 -2.47
C LEU B 148 -18.66 -5.72 -3.27
N VAL B 149 -18.61 -6.75 -4.11
CA VAL B 149 -19.79 -7.13 -4.88
C VAL B 149 -20.86 -7.68 -3.95
N GLU B 150 -20.47 -8.59 -3.06
CA GLU B 150 -21.43 -9.17 -2.12
C GLU B 150 -21.99 -8.10 -1.19
N MET B 151 -21.20 -7.07 -0.87
CA MET B 151 -21.74 -6.02 -0.02
C MET B 151 -22.62 -5.03 -0.76
N GLY B 152 -22.73 -5.13 -2.09
CA GLY B 152 -23.51 -4.19 -2.86
C GLY B 152 -22.86 -2.85 -3.09
N LEU B 153 -21.60 -2.66 -2.67
CA LEU B 153 -20.92 -1.40 -2.93
C LEU B 153 -20.50 -1.28 -4.38
N VAL B 154 -20.25 -2.40 -5.05
CA VAL B 154 -19.71 -2.39 -6.40
C VAL B 154 -20.48 -3.40 -7.23
N ARG B 155 -20.89 -2.99 -8.44
CA ARG B 155 -21.64 -3.89 -9.30
C ARG B 155 -20.73 -4.87 -10.02
N SER B 156 -19.65 -4.37 -10.62
CA SER B 156 -18.71 -5.18 -11.35
C SER B 156 -17.30 -4.83 -10.91
N ILE B 157 -16.43 -5.84 -10.86
CA ILE B 157 -15.04 -5.61 -10.48
C ILE B 157 -14.14 -6.04 -11.62
N GLY B 158 -12.97 -5.43 -11.69
CA GLY B 158 -12.05 -5.73 -12.75
C GLY B 158 -10.66 -5.31 -12.41
N ILE B 159 -9.83 -5.28 -13.46
CA ILE B 159 -8.39 -5.11 -13.34
C ILE B 159 -7.95 -4.09 -14.39
N SER B 160 -6.71 -3.63 -14.25
CA SER B 160 -6.17 -2.64 -15.15
C SER B 160 -4.68 -2.90 -15.31
N ASN B 161 -4.19 -2.83 -16.55
CA ASN B 161 -2.77 -2.98 -16.85
C ASN B 161 -2.26 -4.38 -16.51
N TYR B 162 -3.13 -5.38 -16.61
CA TYR B 162 -2.72 -6.78 -16.44
C TYR B 162 -2.36 -7.33 -17.81
N ASP B 163 -1.22 -7.99 -17.92
CA ASP B 163 -0.79 -8.59 -19.18
C ASP B 163 -1.34 -10.01 -19.27
N VAL B 164 -0.87 -10.78 -20.27
CA VAL B 164 -1.40 -12.12 -20.47
C VAL B 164 -1.12 -12.99 -19.25
N TYR B 165 0.10 -12.92 -18.72
CA TYR B 165 0.48 -13.77 -17.59
C TYR B 165 -0.40 -13.48 -16.38
N LEU B 166 -0.54 -12.20 -16.04
CA LEU B 166 -1.34 -11.82 -14.89
C LEU B 166 -2.83 -12.12 -15.11
N THR B 167 -3.32 -11.94 -16.34
CA THR B 167 -4.73 -12.24 -16.60
C THR B 167 -4.99 -13.73 -16.46
N ARG B 168 -4.08 -14.57 -16.94
CA ARG B 168 -4.24 -16.01 -16.77
C ARG B 168 -4.30 -16.37 -15.29
N ASP B 169 -3.44 -15.74 -14.47
CA ASP B 169 -3.40 -16.06 -13.05
C ASP B 169 -4.71 -15.69 -12.37
N ILE B 170 -5.22 -14.48 -12.63
CA ILE B 170 -6.47 -14.11 -11.95
C ILE B 170 -7.63 -14.95 -12.45
N LEU B 171 -7.62 -15.33 -13.73
CA LEU B 171 -8.60 -16.30 -14.20
C LEU B 171 -8.53 -17.60 -13.40
N SER B 172 -7.35 -17.96 -12.92
CA SER B 172 -7.19 -19.23 -12.20
C SER B 172 -7.67 -19.12 -10.75
N TYR B 173 -7.37 -18.01 -10.06
CA TYR B 173 -7.69 -17.96 -8.63
C TYR B 173 -8.97 -17.21 -8.32
N SER B 174 -9.57 -16.50 -9.27
CA SER B 174 -10.76 -15.73 -8.96
C SER B 174 -11.98 -16.64 -8.80
N LYS B 175 -12.89 -16.21 -7.94
CA LYS B 175 -14.22 -16.80 -7.85
C LYS B 175 -15.22 -15.98 -8.65
N ILE B 176 -15.16 -14.66 -8.55
CA ILE B 176 -15.81 -13.75 -9.48
C ILE B 176 -14.77 -13.38 -10.53
N LYS B 177 -14.99 -13.79 -11.78
CA LYS B 177 -14.06 -13.45 -12.83
C LYS B 177 -14.03 -11.93 -13.04
N PRO B 178 -12.86 -11.37 -13.36
CA PRO B 178 -12.82 -9.94 -13.67
C PRO B 178 -13.71 -9.62 -14.85
N ALA B 179 -14.47 -8.53 -14.72
CA ALA B 179 -15.38 -8.12 -15.78
C ALA B 179 -14.67 -7.33 -16.87
N VAL B 180 -13.63 -6.58 -16.50
CA VAL B 180 -12.97 -5.64 -17.39
C VAL B 180 -11.47 -5.74 -17.13
N ASN B 181 -10.67 -5.63 -18.20
CA ASN B 181 -9.25 -5.34 -18.10
C ASN B 181 -9.05 -4.02 -18.84
N GLN B 182 -8.74 -2.95 -18.11
CA GLN B 182 -8.48 -1.66 -18.71
C GLN B 182 -7.00 -1.53 -19.01
N ILE B 183 -6.65 -1.46 -20.29
CA ILE B 183 -5.26 -1.49 -20.75
C ILE B 183 -5.05 -0.35 -21.74
N GLU B 184 -3.79 0.07 -21.85
CA GLU B 184 -3.45 1.01 -22.92
C GLU B 184 -3.54 0.31 -24.26
N THR B 185 -4.32 0.87 -25.18
CA THR B 185 -4.28 0.40 -26.55
C THR B 185 -4.87 1.48 -27.46
N HIS B 186 -4.24 1.62 -28.62
CA HIS B 186 -4.48 2.66 -29.60
C HIS B 186 -3.72 2.23 -30.86
N PRO B 187 -3.82 2.93 -31.99
CA PRO B 187 -3.23 2.41 -33.23
C PRO B 187 -1.72 2.17 -33.20
N TYR B 188 -0.96 2.79 -32.30
CA TYR B 188 0.48 2.50 -32.26
C TYR B 188 0.83 1.38 -31.27
N PHE B 189 -0.17 0.87 -30.53
CA PHE B 189 0.02 -0.12 -29.46
C PHE B 189 -1.26 -0.96 -29.43
N GLN B 190 -1.38 -1.87 -30.40
CA GLN B 190 -2.67 -2.51 -30.69
C GLN B 190 -2.91 -3.77 -29.86
N ARG B 191 -1.86 -4.48 -29.46
CA ARG B 191 -1.95 -5.55 -28.46
C ARG B 191 -3.03 -6.58 -28.80
N ASP B 192 -3.00 -7.06 -30.04
CA ASP B 192 -4.04 -7.97 -30.51
C ASP B 192 -4.08 -9.24 -29.68
N SER B 193 -2.92 -9.76 -29.28
CA SER B 193 -2.88 -11.04 -28.59
C SER B 193 -3.50 -10.95 -27.19
N LEU B 194 -3.27 -9.82 -26.51
CA LEU B 194 -3.82 -9.65 -25.17
C LEU B 194 -5.33 -9.43 -25.23
N ILE B 195 -5.79 -8.66 -26.21
CA ILE B 195 -7.23 -8.41 -26.36
C ILE B 195 -7.95 -9.71 -26.72
N LYS B 196 -7.37 -10.48 -27.64
CA LYS B 196 -7.96 -11.74 -28.04
C LYS B 196 -8.01 -12.72 -26.88
N PHE B 197 -6.95 -12.73 -26.05
CA PHE B 197 -6.92 -13.61 -24.89
C PHE B 197 -8.01 -13.23 -23.90
N CYS B 198 -8.13 -11.94 -23.62
CA CYS B 198 -9.14 -11.47 -22.67
C CYS B 198 -10.54 -11.77 -23.19
N HIS B 199 -10.80 -11.46 -24.46
CA HIS B 199 -12.12 -11.73 -25.03
C HIS B 199 -12.45 -13.22 -25.03
N LYS B 200 -11.44 -14.07 -25.24
CA LYS B 200 -11.69 -15.51 -25.26
C LYS B 200 -12.29 -15.98 -23.94
N TYR B 201 -11.91 -15.35 -22.83
CA TYR B 201 -12.41 -15.75 -21.53
C TYR B 201 -13.45 -14.78 -20.98
N GLY B 202 -14.08 -13.99 -21.84
CA GLY B 202 -15.21 -13.17 -21.43
C GLY B 202 -14.88 -11.91 -20.69
N ILE B 203 -13.63 -11.49 -20.69
CA ILE B 203 -13.22 -10.23 -20.06
C ILE B 203 -13.29 -9.14 -21.11
N ALA B 204 -14.02 -8.07 -20.80
CA ALA B 204 -14.09 -6.93 -21.72
C ALA B 204 -12.82 -6.10 -21.62
N ILE B 205 -12.53 -5.38 -22.70
CA ILE B 205 -11.34 -4.55 -22.80
C ILE B 205 -11.77 -3.09 -22.85
N THR B 206 -11.35 -2.31 -21.86
CA THR B 206 -11.42 -0.86 -21.94
C THR B 206 -10.06 -0.36 -22.39
N ALA B 207 -10.07 0.45 -23.44
CA ALA B 207 -8.85 1.07 -23.97
C ALA B 207 -8.59 2.38 -23.25
N HIS B 208 -7.67 2.39 -22.28
CA HIS B 208 -7.24 3.72 -21.86
C HIS B 208 -6.17 4.24 -22.81
N THR B 209 -5.88 5.54 -22.69
CA THR B 209 -5.02 6.22 -23.65
C THR B 209 -5.48 5.90 -25.07
N PRO B 210 -6.79 5.94 -25.35
CA PRO B 210 -7.26 5.40 -26.63
C PRO B 210 -6.87 6.25 -27.83
N LEU B 211 -6.52 7.51 -27.63
CA LEU B 211 -6.03 8.34 -28.72
C LEU B 211 -4.53 8.25 -28.89
N GLY B 212 -3.84 7.57 -27.98
CA GLY B 212 -2.40 7.60 -27.92
C GLY B 212 -1.83 8.63 -26.98
N GLY B 213 -2.67 9.37 -26.26
CA GLY B 213 -2.22 10.42 -25.37
C GLY B 213 -2.01 11.77 -26.04
N ALA B 214 -1.92 11.80 -27.37
CA ALA B 214 -1.85 13.02 -28.19
C ALA B 214 -0.76 13.93 -27.62
N LEU B 215 -1.02 15.24 -27.45
CA LEU B 215 0.03 16.14 -27.03
C LEU B 215 0.42 15.91 -25.57
N ALA B 216 -0.57 15.59 -24.72
CA ALA B 216 -0.31 15.41 -23.30
C ALA B 216 0.76 14.36 -23.05
N ASN B 217 0.69 13.24 -23.76
CA ASN B 217 1.68 12.18 -23.53
C ASN B 217 2.97 12.43 -24.27
N THR B 218 2.93 13.13 -25.41
CA THR B 218 4.16 13.61 -26.01
C THR B 218 4.93 14.47 -25.03
N GLU B 219 4.22 15.33 -24.27
CA GLU B 219 4.88 16.21 -23.32
C GLU B 219 5.35 15.45 -22.09
N ARG B 220 4.53 14.52 -21.58
CA ARG B 220 4.79 13.89 -20.30
C ARG B 220 5.69 12.67 -20.42
N PHE B 221 5.57 11.91 -21.51
CA PHE B 221 6.27 10.64 -21.67
C PHE B 221 7.18 10.58 -22.88
N GLY B 222 7.12 11.58 -23.77
CA GLY B 222 7.90 11.54 -25.00
C GLY B 222 7.33 10.67 -26.09
N SER B 223 6.08 10.23 -25.96
CA SER B 223 5.50 9.36 -26.97
C SER B 223 5.21 10.15 -28.25
N VAL B 224 5.06 9.41 -29.34
CA VAL B 224 4.67 9.97 -30.63
C VAL B 224 3.16 9.83 -30.77
N SER B 225 2.49 10.94 -31.09
CA SER B 225 1.05 10.91 -31.28
C SER B 225 0.71 10.31 -32.63
N CYS B 226 -0.24 9.37 -32.64
CA CYS B 226 -0.66 8.79 -33.90
C CYS B 226 -1.59 9.68 -34.70
N LEU B 227 -2.04 10.80 -34.13
CA LEU B 227 -3.10 11.58 -34.75
C LEU B 227 -2.65 12.32 -36.00
N ASP B 228 -1.35 12.50 -36.22
CA ASP B 228 -0.86 13.12 -37.44
C ASP B 228 -0.44 12.09 -38.48
N ASP B 229 -0.73 10.82 -38.27
CA ASP B 229 -0.32 9.78 -39.22
C ASP B 229 -1.04 9.98 -40.55
N PRO B 230 -0.33 9.90 -41.68
CA PRO B 230 -0.99 10.06 -42.99
C PRO B 230 -2.06 9.02 -43.27
N VAL B 231 -1.96 7.82 -42.67
CA VAL B 231 -3.03 6.84 -42.81
C VAL B 231 -4.34 7.40 -42.28
N LEU B 232 -4.27 8.06 -41.13
CA LEU B 232 -5.47 8.65 -40.54
C LEU B 232 -5.93 9.89 -41.29
N LYS B 233 -5.01 10.65 -41.88
CA LYS B 233 -5.39 11.82 -42.67
C LYS B 233 -6.30 11.41 -43.82
N LYS B 234 -5.92 10.35 -44.54
CA LYS B 234 -6.68 9.95 -45.71
C LYS B 234 -8.05 9.42 -45.33
N LEU B 235 -8.12 8.68 -44.22
CA LEU B 235 -9.42 8.22 -43.73
C LEU B 235 -10.26 9.39 -43.23
N SER B 236 -9.60 10.37 -42.60
CA SER B 236 -10.30 11.56 -42.12
C SER B 236 -10.90 12.34 -43.28
N ASP B 237 -10.13 12.51 -44.37
CA ASP B 237 -10.67 13.21 -45.54
C ASP B 237 -11.83 12.43 -46.16
N LYS B 238 -11.74 11.11 -46.18
CA LYS B 238 -12.78 10.31 -46.81
C LYS B 238 -14.09 10.39 -46.03
N HIS B 239 -14.02 10.21 -44.71
CA HIS B 239 -15.20 10.07 -43.88
C HIS B 239 -15.69 11.39 -43.30
N ASN B 240 -15.03 12.52 -43.62
CA ASN B 240 -15.37 13.81 -43.04
C ASN B 240 -15.43 13.71 -41.52
N LYS B 241 -14.43 13.05 -40.96
CA LYS B 241 -14.25 12.89 -39.52
C LYS B 241 -12.81 13.25 -39.19
N SER B 242 -12.58 13.64 -37.94
CA SER B 242 -11.22 13.98 -37.56
C SER B 242 -10.41 12.70 -37.34
N PRO B 243 -9.07 12.78 -37.42
CA PRO B 243 -8.24 11.63 -37.03
C PRO B 243 -8.62 11.05 -35.68
N ALA B 244 -8.88 11.89 -34.69
CA ALA B 244 -9.31 11.40 -33.38
C ALA B 244 -10.60 10.59 -33.50
N GLN B 245 -11.56 11.08 -34.30
CA GLN B 245 -12.81 10.35 -34.47
C GLN B 245 -12.58 9.03 -35.18
N ILE B 246 -11.66 9.01 -36.16
CA ILE B 246 -11.31 7.75 -36.82
C ILE B 246 -10.75 6.76 -35.80
N VAL B 247 -9.87 7.23 -34.92
CA VAL B 247 -9.21 6.35 -33.96
C VAL B 247 -10.22 5.80 -32.95
N LEU B 248 -11.15 6.64 -32.49
CA LEU B 248 -12.15 6.18 -31.53
C LEU B 248 -13.11 5.18 -32.18
N ARG B 249 -13.49 5.44 -33.44
CA ARG B 249 -14.36 4.50 -34.14
C ARG B 249 -13.68 3.16 -34.34
N TRP B 250 -12.39 3.18 -34.69
CA TRP B 250 -11.60 1.95 -34.78
C TRP B 250 -11.62 1.17 -33.47
N GLY B 251 -11.44 1.86 -32.34
CA GLY B 251 -11.53 1.18 -31.06
C GLY B 251 -12.90 0.55 -30.83
N VAL B 252 -13.97 1.25 -31.23
CA VAL B 252 -15.31 0.71 -31.07
C VAL B 252 -15.49 -0.53 -31.94
N GLN B 253 -15.01 -0.48 -33.18
CA GLN B 253 -15.21 -1.61 -34.09
C GLN B 253 -14.33 -2.80 -33.75
N ARG B 254 -13.27 -2.60 -32.95
CA ARG B 254 -12.51 -3.71 -32.39
C ARG B 254 -13.21 -4.35 -31.19
N ASN B 255 -14.46 -3.95 -30.93
N ASN B 255 -14.47 -3.97 -30.92
CA ASN B 255 -15.25 -4.45 -29.80
CA ASN B 255 -15.23 -4.50 -29.79
C ASN B 255 -14.56 -4.19 -28.47
C ASN B 255 -14.54 -4.19 -28.45
N THR B 256 -14.02 -2.98 -28.33
CA THR B 256 -13.45 -2.50 -27.08
C THR B 256 -14.23 -1.26 -26.63
N ILE B 257 -14.04 -0.92 -25.37
CA ILE B 257 -14.60 0.28 -24.78
C ILE B 257 -13.55 1.36 -24.80
N VAL B 258 -13.91 2.56 -25.25
N VAL B 258 -13.92 2.57 -25.20
CA VAL B 258 -12.97 3.65 -25.43
CA VAL B 258 -12.99 3.66 -25.46
C VAL B 258 -13.31 4.77 -24.47
C VAL B 258 -13.30 4.82 -24.51
N ILE B 259 -12.28 5.31 -23.80
CA ILE B 259 -12.49 6.35 -22.78
C ILE B 259 -11.61 7.58 -22.98
N PRO B 260 -11.74 8.33 -24.07
CA PRO B 260 -10.88 9.49 -24.28
C PRO B 260 -11.16 10.60 -23.27
N LYS B 261 -10.11 11.35 -22.95
CA LYS B 261 -10.22 12.53 -22.11
C LYS B 261 -10.02 13.78 -22.96
N SER B 262 -10.81 14.81 -22.68
CA SER B 262 -10.52 16.13 -23.21
C SER B 262 -10.98 17.18 -22.22
N SER B 263 -10.23 18.27 -22.15
CA SER B 263 -10.59 19.41 -21.32
C SER B 263 -11.37 20.47 -22.10
N LYS B 264 -11.83 20.15 -23.30
CA LYS B 264 -12.42 21.13 -24.20
C LYS B 264 -13.78 20.62 -24.66
N THR B 265 -14.83 21.42 -24.44
CA THR B 265 -16.18 20.94 -24.69
C THR B 265 -16.42 20.61 -26.15
N LYS B 266 -15.77 21.34 -27.06
CA LYS B 266 -15.95 21.00 -28.48
C LYS B 266 -15.37 19.63 -28.79
N ARG B 267 -14.30 19.24 -28.10
CA ARG B 267 -13.75 17.91 -28.29
C ARG B 267 -14.58 16.84 -27.60
N LEU B 268 -15.22 17.16 -26.47
CA LEU B 268 -16.18 16.23 -25.89
C LEU B 268 -17.25 15.87 -26.91
N GLU B 269 -17.80 16.88 -27.59
CA GLU B 269 -18.82 16.62 -28.61
C GLU B 269 -18.24 15.86 -29.79
N GLU B 270 -17.04 16.25 -30.23
CA GLU B 270 -16.39 15.58 -31.36
C GLU B 270 -16.16 14.10 -31.05
N ASN B 271 -15.62 13.81 -29.87
CA ASN B 271 -15.29 12.43 -29.53
C ASN B 271 -16.53 11.56 -29.37
N LEU B 272 -17.68 12.15 -29.04
CA LEU B 272 -18.90 11.36 -28.89
C LEU B 272 -19.58 11.11 -30.22
N ASN B 273 -19.35 11.97 -31.22
CA ASN B 273 -20.04 11.86 -32.51
C ASN B 273 -19.27 10.89 -33.41
N ILE B 274 -19.32 9.60 -33.03
CA ILE B 274 -18.61 8.58 -33.78
C ILE B 274 -19.53 7.41 -34.11
N PHE B 275 -20.84 7.60 -33.97
CA PHE B 275 -21.78 6.51 -34.19
C PHE B 275 -22.64 6.72 -35.43
N ASP B 276 -22.29 7.67 -36.28
CA ASP B 276 -23.02 7.93 -37.51
C ASP B 276 -22.19 7.60 -38.75
N PHE B 277 -21.07 6.90 -38.59
CA PHE B 277 -20.30 6.44 -39.72
C PHE B 277 -19.67 5.10 -39.35
N GLU B 278 -19.08 4.45 -40.35
CA GLU B 278 -18.46 3.15 -40.16
C GLU B 278 -17.17 3.06 -40.96
N LEU B 279 -16.16 2.46 -40.36
CA LEU B 279 -14.92 2.15 -41.06
C LEU B 279 -15.09 0.83 -41.80
N SER B 280 -14.75 0.83 -43.09
CA SER B 280 -14.80 -0.40 -43.87
C SER B 280 -13.76 -1.39 -43.36
N LYS B 281 -13.89 -2.64 -43.80
CA LYS B 281 -12.90 -3.65 -43.45
C LYS B 281 -11.53 -3.26 -43.99
N GLU B 282 -11.49 -2.67 -45.19
CA GLU B 282 -10.21 -2.21 -45.74
C GLU B 282 -9.67 -1.04 -44.94
N ASP B 283 -10.55 -0.15 -44.48
CA ASP B 283 -10.12 0.92 -43.58
C ASP B 283 -9.47 0.35 -42.32
N MET B 284 -10.11 -0.66 -41.73
CA MET B 284 -9.57 -1.20 -40.49
C MET B 284 -8.23 -1.88 -40.73
N GLU B 285 -8.06 -2.49 -41.90
CA GLU B 285 -6.81 -3.18 -42.19
C GLU B 285 -5.67 -2.20 -42.39
N LEU B 286 -5.97 -1.01 -42.93
CA LEU B 286 -4.96 0.03 -43.03
C LEU B 286 -4.55 0.54 -41.66
N ILE B 287 -5.52 0.77 -40.78
CA ILE B 287 -5.18 1.17 -39.41
C ILE B 287 -4.37 0.08 -38.72
N LYS B 288 -4.64 -1.18 -39.05
CA LYS B 288 -3.88 -2.27 -38.45
C LYS B 288 -2.38 -2.14 -38.75
N THR B 289 -2.02 -1.65 -39.94
CA THR B 289 -0.61 -1.49 -40.27
C THR B 289 0.10 -0.44 -39.43
N MET B 290 -0.65 0.43 -38.75
CA MET B 290 -0.06 1.47 -37.90
C MET B 290 0.63 0.89 -36.67
N GLU B 291 0.35 -0.37 -36.33
CA GLU B 291 0.91 -1.03 -35.16
C GLU B 291 2.42 -0.84 -35.07
N ARG B 292 2.85 -0.23 -33.96
CA ARG B 292 4.26 -0.06 -33.62
C ARG B 292 4.65 -0.84 -32.38
N ASN B 293 3.69 -1.44 -31.67
CA ASN B 293 3.96 -2.11 -30.40
C ASN B 293 4.73 -1.17 -29.47
N GLN B 294 4.25 0.07 -29.39
CA GLN B 294 4.96 1.15 -28.70
C GLN B 294 4.04 1.74 -27.62
N ARG B 295 4.33 1.40 -26.37
CA ARG B 295 3.59 1.93 -25.24
C ARG B 295 3.88 3.42 -25.07
N SER B 296 2.82 4.19 -24.80
CA SER B 296 2.98 5.61 -24.53
C SER B 296 3.07 5.91 -23.04
N ASN B 297 2.12 5.41 -22.26
CA ASN B 297 2.05 5.69 -20.83
C ASN B 297 2.89 4.66 -20.09
N THR B 298 3.93 5.14 -19.41
CA THR B 298 4.70 4.31 -18.50
C THR B 298 4.97 5.05 -17.20
N PRO B 299 4.82 4.36 -16.06
CA PRO B 299 5.14 4.98 -14.77
C PRO B 299 6.61 4.92 -14.38
N ALA B 300 7.49 4.48 -15.28
CA ALA B 300 8.89 4.28 -14.95
C ALA B 300 9.50 5.50 -14.26
N LYS B 301 9.11 6.68 -14.74
CA LYS B 301 9.68 7.93 -14.24
C LYS B 301 9.12 8.27 -12.86
N ALA B 302 7.79 8.13 -12.71
CA ALA B 302 7.14 8.43 -11.43
C ALA B 302 7.55 7.45 -10.35
N TRP B 303 7.88 6.21 -10.71
CA TRP B 303 8.17 5.18 -9.73
C TRP B 303 9.65 4.87 -9.58
N GLY B 304 10.49 5.40 -10.46
CA GLY B 304 11.89 5.04 -10.42
C GLY B 304 12.18 3.59 -10.74
N ILE B 305 11.21 2.90 -11.35
CA ILE B 305 11.34 1.50 -11.74
C ILE B 305 10.70 1.34 -13.10
N ASP B 306 11.41 0.77 -14.05
CA ASP B 306 10.78 0.42 -15.33
C ASP B 306 10.12 -0.94 -15.15
N VAL B 307 8.80 -0.92 -14.88
CA VAL B 307 8.07 -2.16 -14.64
C VAL B 307 7.86 -2.96 -15.92
N TYR B 308 8.20 -2.39 -17.07
CA TYR B 308 8.12 -3.10 -18.34
C TYR B 308 9.50 -3.51 -18.85
N ALA B 309 10.45 -3.68 -17.93
CA ALA B 309 11.81 -4.06 -18.26
C ALA B 309 11.93 -5.55 -18.53
N MET C 1 34.18 -19.25 -9.26
CA MET C 1 33.41 -18.08 -8.86
C MET C 1 31.93 -18.45 -8.75
N ALA C 2 31.31 -18.06 -7.63
CA ALA C 2 29.97 -18.51 -7.32
C ALA C 2 29.24 -17.45 -6.54
N ILE C 3 27.91 -17.49 -6.63
CA ILE C 3 27.02 -16.64 -5.86
C ILE C 3 26.32 -17.49 -4.82
N THR C 4 26.27 -17.00 -3.58
CA THR C 4 25.56 -17.69 -2.51
C THR C 4 24.07 -17.34 -2.61
N LEU C 5 23.25 -18.34 -2.86
CA LEU C 5 21.81 -18.12 -2.95
C LEU C 5 21.23 -17.87 -1.56
N ASN C 6 20.04 -17.28 -1.53
CA ASN C 6 19.38 -17.03 -0.25
C ASN C 6 18.99 -18.33 0.45
N SER C 7 19.02 -19.45 -0.28
CA SER C 7 18.89 -20.76 0.34
C SER C 7 20.15 -21.18 1.07
N GLY C 8 21.26 -20.49 0.84
CA GLY C 8 22.53 -20.82 1.45
C GLY C 8 23.49 -21.58 0.56
N PHE C 9 23.00 -22.14 -0.55
CA PHE C 9 23.87 -22.94 -1.40
C PHE C 9 24.55 -22.04 -2.43
N LYS C 10 25.75 -22.44 -2.84
CA LYS C 10 26.55 -21.66 -3.77
C LYS C 10 26.30 -22.13 -5.20
N MET C 11 26.10 -21.17 -6.09
CA MET C 11 25.76 -21.45 -7.48
C MET C 11 26.85 -20.88 -8.38
N PRO C 12 27.52 -21.71 -9.18
CA PRO C 12 28.60 -21.20 -10.04
C PRO C 12 28.08 -20.14 -11.01
N VAL C 13 28.85 -19.05 -11.14
CA VAL C 13 28.41 -17.95 -12.00
C VAL C 13 28.57 -18.25 -13.48
N LEU C 14 29.27 -19.32 -13.84
CA LEU C 14 29.33 -19.78 -15.23
C LEU C 14 28.71 -21.16 -15.31
N GLY C 15 27.71 -21.30 -16.19
CA GLY C 15 27.10 -22.59 -16.46
C GLY C 15 27.04 -22.85 -17.95
N LEU C 16 26.68 -24.09 -18.28
CA LEU C 16 26.48 -24.52 -19.65
C LEU C 16 25.00 -24.82 -19.86
N GLY C 17 24.38 -24.13 -20.80
CA GLY C 17 23.01 -24.42 -21.18
C GLY C 17 22.95 -25.53 -22.22
N VAL C 18 21.87 -26.32 -22.19
CA VAL C 18 21.77 -27.49 -23.07
C VAL C 18 20.60 -27.39 -24.04
N TRP C 19 19.97 -26.23 -24.14
CA TRP C 19 18.89 -26.08 -25.12
C TRP C 19 19.44 -26.15 -26.55
N ARG C 20 18.73 -26.87 -27.41
CA ARG C 20 19.00 -26.98 -28.84
C ARG C 20 20.31 -27.71 -29.15
N MET C 21 20.80 -28.53 -28.23
CA MET C 21 22.03 -29.26 -28.41
C MET C 21 21.66 -30.67 -28.88
N ASP C 22 22.22 -31.09 -30.02
CA ASP C 22 21.68 -32.23 -30.75
C ASP C 22 21.78 -33.51 -29.94
N ARG C 23 20.77 -34.37 -30.10
CA ARG C 23 20.65 -35.59 -29.31
C ARG C 23 21.93 -36.42 -29.34
N ASN C 24 22.51 -36.61 -30.53
CA ASN C 24 23.60 -37.55 -30.69
C ASN C 24 24.92 -37.03 -30.12
N GLU C 25 25.02 -35.75 -29.79
CA GLU C 25 26.29 -35.19 -29.34
C GLU C 25 26.24 -34.66 -27.91
N ILE C 26 25.20 -35.00 -27.14
CA ILE C 26 25.06 -34.47 -25.79
C ILE C 26 26.20 -34.95 -24.90
N LYS C 27 26.32 -36.28 -24.73
CA LYS C 27 27.32 -36.82 -23.81
C LYS C 27 28.73 -36.37 -24.19
N ASN C 28 29.03 -36.37 -25.49
CA ASN C 28 30.28 -35.78 -25.97
C ASN C 28 30.53 -34.42 -25.35
N LEU C 29 29.52 -33.57 -25.32
CA LEU C 29 29.69 -32.19 -24.90
C LEU C 29 29.79 -32.07 -23.39
N LEU C 30 28.94 -32.81 -22.65
CA LEU C 30 28.89 -32.67 -21.21
C LEU C 30 30.16 -33.20 -20.55
N LEU C 31 30.68 -34.32 -21.04
CA LEU C 31 31.92 -34.85 -20.48
C LEU C 31 33.09 -33.93 -20.81
N SER C 32 33.13 -33.39 -22.03
CA SER C 32 34.15 -32.41 -22.37
C SER C 32 34.05 -31.18 -21.48
N ALA C 33 32.81 -30.71 -21.23
CA ALA C 33 32.62 -29.54 -20.39
C ALA C 33 33.01 -29.80 -18.95
N ILE C 34 32.61 -30.95 -18.41
CA ILE C 34 33.03 -31.33 -17.07
C ILE C 34 34.55 -31.37 -16.99
N ASN C 35 35.17 -31.98 -18.01
CA ASN C 35 36.64 -32.08 -18.05
C ASN C 35 37.29 -30.71 -18.12
N LEU C 36 36.66 -29.75 -18.81
CA LEU C 36 37.20 -28.40 -18.91
C LEU C 36 37.09 -27.62 -17.61
N GLY C 37 36.15 -28.00 -16.74
CA GLY C 37 35.92 -27.29 -15.50
C GLY C 37 34.50 -26.79 -15.32
N TYR C 38 33.59 -27.05 -16.26
CA TYR C 38 32.19 -26.74 -16.06
C TYR C 38 31.64 -27.54 -14.89
N ARG C 39 30.89 -26.87 -14.02
CA ARG C 39 30.24 -27.50 -12.88
C ARG C 39 28.76 -27.17 -12.78
N HIS C 40 28.28 -26.15 -13.49
CA HIS C 40 26.91 -25.72 -13.49
C HIS C 40 26.30 -26.03 -14.85
N PHE C 41 25.16 -26.74 -14.84
CA PHE C 41 24.52 -27.18 -16.07
C PHE C 41 23.04 -26.83 -15.99
N ASP C 42 22.55 -26.09 -17.00
CA ASP C 42 21.17 -25.63 -17.03
C ASP C 42 20.37 -26.52 -17.98
N CYS C 43 19.37 -27.19 -17.43
CA CYS C 43 18.59 -28.19 -18.15
C CYS C 43 17.12 -27.82 -18.08
N ALA C 44 16.28 -28.60 -18.76
CA ALA C 44 14.84 -28.42 -18.69
C ALA C 44 14.17 -29.65 -19.26
N ALA C 45 13.00 -29.99 -18.71
CA ALA C 45 12.23 -31.11 -19.23
C ALA C 45 11.87 -30.91 -20.70
N ASP C 46 11.49 -29.68 -21.06
CA ASP C 46 11.04 -29.40 -22.42
C ASP C 46 12.19 -29.22 -23.41
N TYR C 47 13.44 -29.36 -22.97
CA TYR C 47 14.55 -29.45 -23.93
C TYR C 47 14.67 -30.84 -24.53
N LYS C 48 13.99 -31.82 -23.94
CA LYS C 48 13.78 -33.17 -24.47
C LYS C 48 15.04 -34.01 -24.45
N ASN C 49 16.10 -33.53 -23.79
CA ASN C 49 17.39 -34.23 -23.78
C ASN C 49 17.85 -34.58 -22.36
N GLU C 50 16.94 -34.66 -21.40
CA GLU C 50 17.32 -35.00 -20.03
C GLU C 50 17.84 -36.43 -19.94
N LEU C 51 17.31 -37.35 -20.74
CA LEU C 51 17.81 -38.72 -20.74
C LEU C 51 19.29 -38.76 -21.09
N GLU C 52 19.67 -38.07 -22.16
CA GLU C 52 21.06 -38.06 -22.59
C GLU C 52 21.95 -37.33 -21.58
N VAL C 53 21.43 -36.25 -20.99
CA VAL C 53 22.17 -35.54 -19.96
C VAL C 53 22.43 -36.44 -18.76
N GLY C 54 21.42 -37.22 -18.37
CA GLY C 54 21.59 -38.12 -17.24
C GLY C 54 22.63 -39.19 -17.47
N GLU C 55 22.66 -39.75 -18.69
CA GLU C 55 23.69 -40.73 -19.03
C GLU C 55 25.08 -40.11 -18.94
N ALA C 56 25.24 -38.89 -19.46
CA ALA C 56 26.53 -38.21 -19.40
C ALA C 56 26.99 -38.03 -17.97
N PHE C 57 26.12 -37.47 -17.12
CA PHE C 57 26.45 -37.34 -15.71
C PHE C 57 26.77 -38.69 -15.08
N LYS C 58 26.04 -39.74 -15.49
CA LYS C 58 26.30 -41.06 -14.90
C LYS C 58 27.71 -41.54 -15.23
N GLU C 59 28.12 -41.42 -16.50
CA GLU C 59 29.46 -41.83 -16.87
C GLU C 59 30.51 -40.99 -16.18
N ALA C 60 30.26 -39.69 -16.03
CA ALA C 60 31.21 -38.84 -15.31
C ALA C 60 31.34 -39.26 -13.86
N PHE C 61 30.23 -39.67 -13.24
CA PHE C 61 30.26 -40.15 -11.86
C PHE C 61 30.94 -41.51 -11.78
N ASP C 62 30.58 -42.44 -12.68
CA ASP C 62 31.14 -43.79 -12.62
C ASP C 62 32.63 -43.78 -12.91
N THR C 63 33.07 -43.01 -13.91
CA THR C 63 34.48 -42.92 -14.26
C THR C 63 35.22 -41.87 -13.44
N ASP C 64 34.53 -41.23 -12.48
CA ASP C 64 35.15 -40.33 -11.51
C ASP C 64 35.76 -39.10 -12.17
N LEU C 65 35.11 -38.58 -13.21
CA LEU C 65 35.50 -37.28 -13.74
C LEU C 65 35.18 -36.18 -12.74
N VAL C 66 33.99 -36.24 -12.17
CA VAL C 66 33.52 -35.32 -11.14
C VAL C 66 32.67 -36.15 -10.20
N LYS C 67 32.24 -35.53 -9.10
CA LYS C 67 31.42 -36.19 -8.10
C LYS C 67 30.22 -35.32 -7.74
N ARG C 68 29.09 -35.97 -7.52
CA ARG C 68 27.77 -35.32 -7.60
C ARG C 68 27.72 -34.02 -6.80
N GLU C 69 28.37 -34.00 -5.63
CA GLU C 69 28.28 -32.85 -4.76
C GLU C 69 28.96 -31.62 -5.38
N ASP C 70 29.80 -31.81 -6.38
CA ASP C 70 30.48 -30.69 -7.03
C ASP C 70 29.74 -30.17 -8.26
N LEU C 71 28.71 -30.86 -8.74
CA LEU C 71 27.88 -30.33 -9.81
C LEU C 71 26.73 -29.50 -9.24
N PHE C 72 26.36 -28.45 -9.98
CA PHE C 72 25.13 -27.70 -9.75
C PHE C 72 24.23 -27.97 -10.94
N ILE C 73 23.15 -28.73 -10.72
CA ILE C 73 22.28 -29.19 -11.79
C ILE C 73 20.93 -28.52 -11.64
N THR C 74 20.54 -27.75 -12.66
CA THR C 74 19.24 -27.11 -12.72
C THR C 74 18.40 -27.78 -13.81
N THR C 75 17.12 -28.02 -13.51
CA THR C 75 16.15 -28.34 -14.54
C THR C 75 14.86 -27.59 -14.22
N LYS C 76 13.89 -27.68 -15.10
CA LYS C 76 12.74 -26.79 -15.04
C LYS C 76 11.44 -27.56 -15.22
N LEU C 77 10.39 -27.02 -14.60
CA LEU C 77 9.03 -27.52 -14.71
C LEU C 77 8.35 -26.87 -15.91
N TRP C 78 7.90 -27.68 -16.86
CA TRP C 78 7.31 -27.07 -18.04
C TRP C 78 5.89 -26.59 -17.76
N ASN C 79 5.42 -25.68 -18.64
CA ASN C 79 4.09 -25.09 -18.51
C ASN C 79 2.99 -26.13 -18.41
N SER C 80 3.19 -27.29 -19.03
CA SER C 80 2.16 -28.33 -19.04
C SER C 80 2.02 -29.04 -17.70
N ASP C 81 2.99 -28.87 -16.80
CA ASP C 81 3.01 -29.59 -15.53
C ASP C 81 2.76 -28.68 -14.33
N HIS C 82 2.17 -27.51 -14.54
CA HIS C 82 1.91 -26.60 -13.43
C HIS C 82 0.95 -27.19 -12.41
N GLY C 83 0.16 -28.18 -12.80
CA GLY C 83 -0.67 -28.91 -11.86
C GLY C 83 -0.15 -30.29 -11.51
N HIS C 84 1.08 -30.65 -11.91
CA HIS C 84 1.64 -31.97 -11.65
C HIS C 84 3.11 -31.79 -11.24
N VAL C 85 3.34 -30.99 -10.18
CA VAL C 85 4.68 -30.53 -9.88
C VAL C 85 5.53 -31.65 -9.28
N ILE C 86 5.00 -32.34 -8.27
CA ILE C 86 5.74 -33.44 -7.67
C ILE C 86 5.96 -34.55 -8.69
N GLU C 87 4.90 -34.99 -9.37
CA GLU C 87 5.14 -35.81 -10.56
C GLU C 87 6.12 -35.32 -11.63
N ALA C 88 6.13 -34.04 -12.00
CA ALA C 88 7.10 -33.62 -13.01
C ALA C 88 8.54 -33.66 -12.48
N CYS C 89 8.75 -33.19 -11.25
CA CYS C 89 10.10 -33.15 -10.68
C CYS C 89 10.65 -34.57 -10.49
N LYS C 90 9.84 -35.47 -9.93
CA LYS C 90 10.28 -36.85 -9.75
C LYS C 90 10.66 -37.49 -11.08
N ASN C 91 10.02 -37.05 -12.17
CA ASN C 91 10.34 -37.61 -13.48
C ASN C 91 11.68 -37.09 -13.99
N SER C 92 11.91 -35.78 -13.85
CA SER C 92 13.20 -35.21 -14.22
C SER C 92 14.33 -35.87 -13.44
N LEU C 93 14.11 -36.10 -12.14
CA LEU C 93 15.12 -36.80 -11.34
C LEU C 93 15.40 -38.19 -11.90
N LYS C 94 14.34 -38.95 -12.19
CA LYS C 94 14.49 -40.29 -12.77
C LYS C 94 15.20 -40.22 -14.12
N LYS C 95 14.82 -39.26 -14.96
CA LYS C 95 15.39 -39.18 -16.30
C LYS C 95 16.82 -38.65 -16.28
N LEU C 96 17.16 -37.79 -15.30
CA LEU C 96 18.54 -37.37 -15.10
C LEU C 96 19.34 -38.36 -14.26
N GLN C 97 18.70 -39.41 -13.75
CA GLN C 97 19.35 -40.40 -12.88
C GLN C 97 19.95 -39.76 -11.64
N LEU C 98 19.30 -38.72 -11.13
CA LEU C 98 19.74 -38.01 -9.94
C LEU C 98 18.80 -38.33 -8.78
N GLU C 99 19.33 -38.21 -7.57
CA GLU C 99 18.49 -38.34 -6.38
C GLU C 99 18.02 -36.99 -5.85
N TYR C 100 18.65 -35.89 -6.28
CA TYR C 100 18.24 -34.56 -5.88
C TYR C 100 18.71 -33.56 -6.92
N LEU C 101 17.99 -32.45 -7.00
CA LEU C 101 18.38 -31.33 -7.83
C LEU C 101 18.95 -30.21 -6.97
N ASP C 102 19.92 -29.48 -7.53
CA ASP C 102 20.37 -28.27 -6.87
C ASP C 102 19.37 -27.13 -7.04
N LEU C 103 18.72 -27.07 -8.21
CA LEU C 103 17.81 -25.97 -8.51
C LEU C 103 16.69 -26.49 -9.40
N TYR C 104 15.46 -26.18 -9.04
CA TYR C 104 14.28 -26.46 -9.84
C TYR C 104 13.53 -25.16 -10.06
N LEU C 105 13.27 -24.82 -11.32
CA LEU C 105 12.65 -23.55 -11.68
C LEU C 105 11.29 -23.77 -12.33
N ILE C 106 10.35 -22.88 -12.03
CA ILE C 106 9.17 -22.74 -12.88
C ILE C 106 9.62 -22.10 -14.19
N HIS C 107 9.45 -22.85 -15.29
CA HIS C 107 10.06 -22.45 -16.55
C HIS C 107 9.48 -21.13 -17.07
N PHE C 108 8.17 -20.97 -16.99
CA PHE C 108 7.44 -19.78 -17.42
C PHE C 108 6.32 -19.52 -16.42
N PRO C 109 5.91 -18.25 -16.27
CA PRO C 109 4.69 -17.92 -15.52
C PRO C 109 3.43 -18.20 -16.34
N MET C 110 3.39 -19.37 -16.96
CA MET C 110 2.33 -19.77 -17.88
C MET C 110 2.02 -21.23 -17.65
N ALA C 111 0.74 -21.55 -17.54
CA ALA C 111 0.26 -22.92 -17.44
C ALA C 111 -0.50 -23.25 -18.70
N SER C 112 -0.18 -24.40 -19.29
CA SER C 112 -0.89 -24.87 -20.48
C SER C 112 -1.39 -26.29 -20.22
N LYS C 113 -2.21 -26.76 -21.17
CA LYS C 113 -2.88 -28.06 -21.01
C LYS C 113 -1.86 -29.16 -20.74
N HIS C 114 -2.16 -30.00 -19.75
CA HIS C 114 -1.28 -31.10 -19.41
C HIS C 114 -1.12 -32.06 -20.58
N SER C 115 0.13 -32.50 -20.80
CA SER C 115 0.48 -33.40 -21.89
C SER C 115 0.99 -34.75 -21.39
N GLY C 116 0.95 -34.99 -20.09
CA GLY C 116 1.46 -36.24 -19.56
C GLY C 116 2.84 -36.07 -18.95
N ILE C 117 3.12 -36.88 -17.93
CA ILE C 117 4.38 -36.79 -17.19
C ILE C 117 5.50 -37.43 -17.99
N GLY C 118 6.63 -36.72 -18.10
CA GLY C 118 7.73 -37.13 -18.94
C GLY C 118 7.54 -36.81 -20.41
N THR C 119 6.38 -36.26 -20.79
CA THR C 119 6.05 -35.99 -22.19
C THR C 119 5.55 -34.55 -22.31
N THR C 120 6.40 -33.60 -21.93
CA THR C 120 6.00 -32.20 -21.92
C THR C 120 5.81 -31.67 -23.34
N ARG C 121 4.76 -30.87 -23.52
CA ARG C 121 4.41 -30.34 -24.82
C ARG C 121 3.59 -29.07 -24.60
N SER C 122 3.62 -28.18 -25.58
CA SER C 122 2.74 -27.02 -25.61
C SER C 122 1.62 -27.32 -26.60
N ILE C 123 0.47 -27.74 -26.07
CA ILE C 123 -0.66 -28.15 -26.90
C ILE C 123 -1.35 -26.93 -27.49
N LEU C 124 -1.61 -26.96 -28.79
CA LEU C 124 -2.29 -25.89 -29.51
C LEU C 124 -3.69 -26.34 -29.90
N ASP C 125 -4.60 -25.37 -30.00
CA ASP C 125 -5.94 -25.63 -30.49
C ASP C 125 -5.94 -25.64 -32.03
N ASP C 126 -7.13 -25.69 -32.63
CA ASP C 126 -7.22 -25.84 -34.08
C ASP C 126 -6.91 -24.55 -34.83
N GLU C 127 -6.97 -23.40 -34.17
CA GLU C 127 -6.57 -22.14 -34.77
C GLU C 127 -5.08 -21.86 -34.59
N GLY C 128 -4.33 -22.79 -33.99
CA GLY C 128 -2.90 -22.60 -33.78
C GLY C 128 -2.52 -21.85 -32.52
N VAL C 129 -3.39 -21.83 -31.51
CA VAL C 129 -3.22 -21.01 -30.32
C VAL C 129 -3.10 -21.92 -29.10
N LEU C 130 -2.12 -21.63 -28.23
CA LEU C 130 -1.90 -22.43 -27.02
C LEU C 130 -3.19 -22.62 -26.25
N GLU C 131 -3.48 -23.86 -25.88
CA GLU C 131 -4.55 -24.10 -24.91
C GLU C 131 -4.01 -23.75 -23.54
N VAL C 132 -4.33 -22.55 -23.10
CA VAL C 132 -3.88 -22.05 -21.82
C VAL C 132 -4.73 -22.66 -20.72
N ASP C 133 -4.09 -23.10 -19.65
CA ASP C 133 -4.78 -23.53 -18.44
C ASP C 133 -5.15 -22.30 -17.63
N THR C 134 -6.44 -22.21 -17.25
CA THR C 134 -6.93 -21.13 -16.42
C THR C 134 -7.50 -21.66 -15.11
N THR C 135 -6.94 -22.76 -14.60
CA THR C 135 -7.38 -23.31 -13.33
C THR C 135 -6.29 -23.44 -12.27
N ILE C 136 -5.02 -23.34 -12.63
CA ILE C 136 -3.92 -23.51 -11.68
C ILE C 136 -3.18 -22.18 -11.56
N SER C 137 -3.26 -21.58 -10.37
CA SER C 137 -2.59 -20.31 -10.11
C SER C 137 -1.09 -20.50 -9.95
N LEU C 138 -0.34 -19.43 -10.21
CA LEU C 138 1.10 -19.50 -10.03
C LEU C 138 1.47 -19.76 -8.57
N GLU C 139 0.67 -19.25 -7.62
CA GLU C 139 0.93 -19.53 -6.21
C GLU C 139 0.74 -21.00 -5.88
N ALA C 140 -0.32 -21.63 -6.42
CA ALA C 140 -0.54 -23.05 -6.16
C ALA C 140 0.63 -23.89 -6.65
N THR C 141 1.12 -23.58 -7.86
CA THR C 141 2.32 -24.23 -8.35
C THR C 141 3.50 -24.00 -7.43
N TRP C 142 3.69 -22.76 -6.95
CA TRP C 142 4.83 -22.47 -6.09
C TRP C 142 4.76 -23.25 -4.78
N HIS C 143 3.57 -23.35 -4.17
CA HIS C 143 3.48 -24.09 -2.91
C HIS C 143 3.79 -25.57 -3.11
N GLU C 144 3.55 -26.10 -4.31
CA GLU C 144 3.99 -27.46 -4.60
C GLU C 144 5.51 -27.52 -4.74
N MET C 145 6.11 -26.50 -5.33
CA MET C 145 7.58 -26.46 -5.38
C MET C 145 8.19 -26.39 -3.99
N GLU C 146 7.54 -25.71 -3.05
CA GLU C 146 8.07 -25.68 -1.69
C GLU C 146 8.03 -27.06 -1.05
N LYS C 147 7.08 -27.90 -1.46
CA LYS C 147 7.08 -29.28 -1.00
C LYS C 147 8.36 -30.01 -1.41
N LEU C 148 8.80 -29.81 -2.66
CA LEU C 148 9.96 -30.53 -3.18
C LEU C 148 11.20 -30.28 -2.33
N VAL C 149 11.30 -29.11 -1.70
CA VAL C 149 12.40 -28.85 -0.79
C VAL C 149 12.23 -29.64 0.50
N GLU C 150 11.02 -29.60 1.07
CA GLU C 150 10.73 -30.39 2.26
C GLU C 150 10.95 -31.88 2.02
N MET C 151 10.58 -32.35 0.82
CA MET C 151 10.81 -33.74 0.46
C MET C 151 12.29 -34.06 0.25
N GLY C 152 13.15 -33.05 0.19
CA GLY C 152 14.56 -33.27 -0.06
C GLY C 152 14.92 -33.56 -1.50
N LEU C 153 13.95 -33.50 -2.42
CA LEU C 153 14.22 -33.76 -3.82
C LEU C 153 14.97 -32.61 -4.48
N VAL C 154 14.83 -31.40 -3.95
CA VAL C 154 15.38 -30.20 -4.56
C VAL C 154 15.98 -29.34 -3.45
N ARG C 155 17.19 -28.83 -3.70
CA ARG C 155 17.85 -28.00 -2.70
C ARG C 155 17.32 -26.57 -2.73
N SER C 156 17.23 -25.97 -3.91
CA SER C 156 16.81 -24.59 -4.09
C SER C 156 15.74 -24.54 -5.17
N ILE C 157 14.75 -23.68 -4.97
CA ILE C 157 13.69 -23.53 -5.96
C ILE C 157 13.66 -22.09 -6.44
N GLY C 158 13.16 -21.91 -7.65
CA GLY C 158 13.13 -20.59 -8.24
C GLY C 158 12.20 -20.51 -9.43
N ILE C 159 12.34 -19.39 -10.15
CA ILE C 159 11.42 -19.01 -11.21
C ILE C 159 12.23 -18.60 -12.43
N SER C 160 11.54 -18.51 -13.56
CA SER C 160 12.15 -18.09 -14.81
C SER C 160 11.16 -17.23 -15.59
N ASN C 161 11.66 -16.15 -16.18
CA ASN C 161 10.88 -15.27 -17.03
C ASN C 161 9.77 -14.56 -16.25
N TYR C 162 10.02 -14.24 -14.97
CA TYR C 162 9.10 -13.46 -14.17
C TYR C 162 9.52 -12.00 -14.23
N ASP C 163 8.59 -11.10 -14.51
CA ASP C 163 8.87 -9.68 -14.60
C ASP C 163 8.76 -9.06 -13.20
N VAL C 164 8.80 -7.72 -13.13
CA VAL C 164 8.73 -7.06 -11.83
C VAL C 164 7.40 -7.37 -11.15
N TYR C 165 6.31 -7.36 -11.91
CA TYR C 165 4.98 -7.60 -11.32
C TYR C 165 4.89 -9.02 -10.76
N LEU C 166 5.29 -10.01 -11.56
CA LEU C 166 5.20 -11.39 -11.11
C LEU C 166 6.17 -11.67 -9.97
N THR C 167 7.36 -11.07 -10.02
CA THR C 167 8.32 -11.27 -8.94
C THR C 167 7.80 -10.67 -7.64
N ARG C 168 7.22 -9.47 -7.71
CA ARG C 168 6.62 -8.90 -6.50
C ARG C 168 5.54 -9.81 -5.95
N ASP C 169 4.76 -10.44 -6.84
CA ASP C 169 3.68 -11.31 -6.38
C ASP C 169 4.22 -12.52 -5.64
N ILE C 170 5.18 -13.23 -6.24
CA ILE C 170 5.71 -14.42 -5.57
C ILE C 170 6.44 -14.05 -4.29
N LEU C 171 7.12 -12.89 -4.26
CA LEU C 171 7.68 -12.43 -3.00
C LEU C 171 6.59 -12.27 -1.95
N SER C 172 5.38 -11.94 -2.37
CA SER C 172 4.29 -11.70 -1.42
C SER C 172 3.70 -13.00 -0.88
N TYR C 173 3.48 -14.00 -1.75
CA TYR C 173 2.78 -15.21 -1.30
C TYR C 173 3.71 -16.37 -0.96
N SER C 174 4.99 -16.29 -1.29
CA SER C 174 5.87 -17.45 -1.08
C SER C 174 6.20 -17.64 0.39
N LYS C 175 6.32 -18.91 0.79
CA LYS C 175 6.88 -19.27 2.09
C LYS C 175 8.40 -19.40 2.01
N ILE C 176 8.88 -20.23 1.08
CA ILE C 176 10.28 -20.22 0.69
C ILE C 176 10.44 -19.20 -0.43
N LYS C 177 11.26 -18.18 -0.20
CA LYS C 177 11.48 -17.19 -1.23
C LYS C 177 12.19 -17.83 -2.42
N PRO C 178 11.88 -17.43 -3.64
CA PRO C 178 12.62 -17.97 -4.79
C PRO C 178 14.10 -17.62 -4.66
N ALA C 179 14.95 -18.59 -4.96
CA ALA C 179 16.39 -18.36 -4.86
C ALA C 179 16.94 -17.72 -6.13
N VAL C 180 16.29 -17.95 -7.27
CA VAL C 180 16.80 -17.54 -8.58
C VAL C 180 15.62 -17.10 -9.44
N ASN C 181 15.83 -16.06 -10.23
CA ASN C 181 14.96 -15.71 -11.36
C ASN C 181 15.81 -15.80 -12.61
N GLN C 182 15.53 -16.76 -13.48
CA GLN C 182 16.31 -16.92 -14.69
C GLN C 182 15.62 -16.14 -15.79
N ILE C 183 16.26 -15.07 -16.26
CA ILE C 183 15.64 -14.17 -17.23
C ILE C 183 16.59 -13.96 -18.39
N GLU C 184 16.02 -13.63 -19.54
CA GLU C 184 16.84 -13.21 -20.67
C GLU C 184 17.49 -11.87 -20.36
N THR C 185 18.82 -11.82 -20.45
CA THR C 185 19.50 -10.52 -20.38
C THR C 185 20.89 -10.65 -20.98
N HIS C 186 21.28 -9.62 -21.71
CA HIS C 186 22.49 -9.57 -22.52
C HIS C 186 22.68 -8.10 -22.92
N PRO C 187 23.74 -7.74 -23.66
CA PRO C 187 23.99 -6.30 -23.90
C PRO C 187 22.90 -5.55 -24.67
N TYR C 188 22.04 -6.22 -25.44
CA TYR C 188 20.94 -5.53 -26.12
C TYR C 188 19.65 -5.53 -25.32
N PHE C 189 19.62 -6.15 -24.14
CA PHE C 189 18.41 -6.34 -23.33
C PHE C 189 18.89 -6.43 -21.87
N GLN C 190 19.32 -5.28 -21.34
CA GLN C 190 20.08 -5.25 -20.10
C GLN C 190 19.20 -5.28 -18.86
N ARG C 191 17.98 -4.76 -18.96
CA ARG C 191 16.93 -4.93 -17.94
C ARG C 191 17.42 -4.56 -16.54
N ASP C 192 18.03 -3.37 -16.44
CA ASP C 192 18.61 -2.94 -15.17
C ASP C 192 17.57 -2.93 -14.05
N SER C 193 16.35 -2.46 -14.36
CA SER C 193 15.32 -2.30 -13.32
C SER C 193 14.91 -3.63 -12.71
N LEU C 194 14.74 -4.65 -13.56
CA LEU C 194 14.33 -5.95 -13.04
C LEU C 194 15.43 -6.61 -12.23
N ILE C 195 16.67 -6.52 -12.71
CA ILE C 195 17.81 -7.08 -11.98
C ILE C 195 17.95 -6.39 -10.63
N LYS C 196 17.90 -5.05 -10.62
CA LYS C 196 17.99 -4.30 -9.37
C LYS C 196 16.88 -4.70 -8.40
N PHE C 197 15.64 -4.84 -8.90
CA PHE C 197 14.53 -5.23 -8.05
C PHE C 197 14.74 -6.62 -7.45
N CYS C 198 15.16 -7.57 -8.27
CA CYS C 198 15.41 -8.93 -7.78
C CYS C 198 16.54 -8.93 -6.77
N HIS C 199 17.64 -8.25 -7.07
CA HIS C 199 18.77 -8.22 -6.15
C HIS C 199 18.39 -7.57 -4.83
N LYS C 200 17.54 -6.54 -4.89
CA LYS C 200 17.09 -5.87 -3.68
C LYS C 200 16.45 -6.83 -2.70
N TYR C 201 15.79 -7.88 -3.20
CA TYR C 201 15.08 -8.84 -2.35
C TYR C 201 15.80 -10.17 -2.24
N GLY C 202 17.08 -10.21 -2.60
CA GLY C 202 17.90 -11.39 -2.37
C GLY C 202 17.72 -12.50 -3.38
N ILE C 203 17.08 -12.24 -4.52
CA ILE C 203 16.90 -13.22 -5.58
C ILE C 203 18.08 -13.11 -6.53
N ALA C 204 18.79 -14.21 -6.76
CA ALA C 204 19.87 -14.21 -7.72
C ALA C 204 19.29 -14.20 -9.13
N ILE C 205 20.03 -13.56 -10.05
CA ILE C 205 19.64 -13.47 -11.45
C ILE C 205 20.54 -14.39 -12.26
N THR C 206 19.92 -15.36 -12.94
CA THR C 206 20.62 -16.12 -13.97
C THR C 206 20.23 -15.53 -15.32
N ALA C 207 21.24 -15.19 -16.12
CA ALA C 207 21.03 -14.62 -17.45
C ALA C 207 20.93 -15.77 -18.45
N HIS C 208 19.72 -16.13 -18.86
CA HIS C 208 19.66 -17.00 -20.01
C HIS C 208 19.78 -16.15 -21.28
N THR C 209 20.07 -16.81 -22.41
CA THR C 209 20.38 -16.15 -23.66
C THR C 209 21.49 -15.11 -23.47
N PRO C 210 22.58 -15.47 -22.77
CA PRO C 210 23.51 -14.42 -22.32
C PRO C 210 24.37 -13.84 -23.42
N LEU C 211 24.56 -14.54 -24.54
CA LEU C 211 25.28 -13.95 -25.66
C LEU C 211 24.35 -13.19 -26.59
N GLY C 212 23.05 -13.15 -26.29
CA GLY C 212 22.07 -12.64 -27.21
C GLY C 212 21.49 -13.69 -28.14
N GLY C 213 21.91 -14.96 -28.00
CA GLY C 213 21.45 -16.02 -28.86
C GLY C 213 22.23 -16.19 -30.15
N ALA C 214 23.05 -15.20 -30.52
CA ALA C 214 23.89 -15.24 -31.70
C ALA C 214 23.17 -15.73 -32.95
N LEU C 215 23.70 -16.79 -33.57
CA LEU C 215 23.14 -17.29 -34.82
C LEU C 215 21.87 -18.08 -34.60
N ALA C 216 21.83 -18.91 -33.54
CA ALA C 216 20.65 -19.74 -33.28
C ALA C 216 19.39 -18.90 -33.18
N ASN C 217 19.48 -17.76 -32.49
CA ASN C 217 18.30 -16.91 -32.31
C ASN C 217 18.08 -15.96 -33.48
N THR C 218 19.15 -15.58 -34.19
CA THR C 218 18.99 -14.78 -35.40
C THR C 218 18.21 -15.55 -36.47
N GLU C 219 18.21 -16.88 -36.41
CA GLU C 219 17.44 -17.69 -37.34
C GLU C 219 16.07 -18.05 -36.79
N ARG C 220 16.02 -18.54 -35.55
CA ARG C 220 14.75 -18.95 -34.95
C ARG C 220 13.84 -17.75 -34.67
N PHE C 221 14.40 -16.65 -34.19
CA PHE C 221 13.59 -15.52 -33.73
C PHE C 221 13.80 -14.26 -34.54
N GLY C 222 14.78 -14.21 -35.45
CA GLY C 222 15.03 -13.00 -36.22
C GLY C 222 15.73 -11.89 -35.47
N SER C 223 16.30 -12.19 -34.31
CA SER C 223 16.94 -11.17 -33.50
C SER C 223 18.28 -10.75 -34.09
N VAL C 224 18.78 -9.60 -33.63
CA VAL C 224 20.10 -9.11 -34.02
C VAL C 224 21.11 -9.57 -32.98
N SER C 225 22.18 -10.21 -33.45
CA SER C 225 23.24 -10.64 -32.56
C SER C 225 24.12 -9.45 -32.18
N CYS C 226 24.38 -9.30 -30.89
CA CYS C 226 25.26 -8.23 -30.41
C CYS C 226 26.73 -8.53 -30.65
N LEU C 227 27.08 -9.77 -30.98
CA LEU C 227 28.48 -10.17 -31.05
C LEU C 227 29.26 -9.49 -32.17
N ASP C 228 28.58 -8.80 -33.08
CA ASP C 228 29.27 -8.05 -34.13
C ASP C 228 29.34 -6.56 -33.83
N ASP C 229 28.89 -6.14 -32.66
CA ASP C 229 28.83 -4.72 -32.35
C ASP C 229 30.24 -4.13 -32.37
N PRO C 230 30.46 -2.99 -33.03
CA PRO C 230 31.79 -2.36 -33.01
C PRO C 230 32.29 -2.05 -31.61
N VAL C 231 31.38 -1.82 -30.65
CA VAL C 231 31.82 -1.62 -29.26
C VAL C 231 32.51 -2.87 -28.74
N LEU C 232 31.98 -4.05 -29.08
CA LEU C 232 32.59 -5.28 -28.61
C LEU C 232 33.88 -5.61 -29.33
N LYS C 233 33.97 -5.27 -30.63
CA LYS C 233 35.21 -5.54 -31.35
C LYS C 233 36.35 -4.69 -30.82
N LYS C 234 36.06 -3.47 -30.36
CA LYS C 234 37.12 -2.63 -29.82
C LYS C 234 37.56 -3.13 -28.45
N LEU C 235 36.63 -3.64 -27.64
CA LEU C 235 36.99 -4.23 -26.37
C LEU C 235 37.65 -5.59 -26.57
N SER C 236 37.20 -6.34 -27.58
CA SER C 236 37.84 -7.61 -27.90
C SER C 236 39.32 -7.42 -28.25
N ASP C 237 39.61 -6.43 -29.09
CA ASP C 237 40.99 -6.19 -29.50
C ASP C 237 41.86 -5.79 -28.31
N LYS C 238 41.33 -4.95 -27.42
CA LYS C 238 42.14 -4.48 -26.30
C LYS C 238 42.48 -5.61 -25.33
N HIS C 239 41.50 -6.46 -25.03
CA HIS C 239 41.66 -7.50 -24.03
C HIS C 239 42.15 -8.84 -24.60
N ASN C 240 42.30 -8.94 -25.92
CA ASN C 240 42.64 -10.21 -26.56
C ASN C 240 41.68 -11.31 -26.12
N LYS C 241 40.40 -10.96 -26.06
CA LYS C 241 39.32 -11.89 -25.78
C LYS C 241 38.29 -11.75 -26.88
N SER C 242 37.53 -12.81 -27.12
CA SER C 242 36.50 -12.77 -28.14
C SER C 242 35.33 -11.90 -27.69
N PRO C 243 34.54 -11.38 -28.63
CA PRO C 243 33.30 -10.65 -28.24
C PRO C 243 32.41 -11.46 -27.32
N ALA C 244 32.29 -12.76 -27.57
CA ALA C 244 31.55 -13.62 -26.65
C ALA C 244 32.13 -13.56 -25.25
N GLN C 245 33.46 -13.65 -25.14
CA GLN C 245 34.09 -13.65 -23.82
C GLN C 245 33.91 -12.30 -23.13
N ILE C 246 33.99 -11.21 -23.89
CA ILE C 246 33.70 -9.89 -23.33
C ILE C 246 32.30 -9.85 -22.75
N VAL C 247 31.34 -10.40 -23.50
CA VAL C 247 29.95 -10.32 -23.09
C VAL C 247 29.70 -11.16 -21.85
N LEU C 248 30.31 -12.35 -21.76
CA LEU C 248 30.13 -13.18 -20.58
C LEU C 248 30.81 -12.57 -19.37
N ARG C 249 31.99 -11.98 -19.56
CA ARG C 249 32.64 -11.27 -18.45
C ARG C 249 31.76 -10.12 -17.96
N TRP C 250 31.15 -9.39 -18.89
CA TRP C 250 30.24 -8.31 -18.53
C TRP C 250 29.10 -8.81 -17.67
N GLY C 251 28.51 -9.95 -18.04
CA GLY C 251 27.43 -10.49 -17.22
C GLY C 251 27.92 -10.89 -15.85
N VAL C 252 29.10 -11.49 -15.77
CA VAL C 252 29.69 -11.88 -14.49
C VAL C 252 29.91 -10.65 -13.61
N GLN C 253 30.44 -9.57 -14.20
CA GLN C 253 30.73 -8.37 -13.42
C GLN C 253 29.47 -7.59 -13.05
N ARG C 254 28.32 -7.88 -13.67
CA ARG C 254 27.04 -7.38 -13.22
C ARG C 254 26.45 -8.19 -12.09
N ASN C 255 27.23 -9.13 -11.52
N ASN C 255 27.21 -9.14 -11.51
CA ASN C 255 26.79 -9.99 -10.42
CA ASN C 255 26.74 -9.96 -10.39
C ASN C 255 25.58 -10.82 -10.82
C ASN C 255 25.56 -10.83 -10.82
N THR C 256 25.63 -11.38 -12.03
CA THR C 256 24.63 -12.33 -12.50
C THR C 256 25.33 -13.66 -12.80
N ILE C 257 24.52 -14.70 -12.89
CA ILE C 257 24.97 -16.01 -13.34
C ILE C 257 24.69 -16.10 -14.83
N VAL C 258 25.64 -16.64 -15.57
N VAL C 258 25.66 -16.59 -15.59
CA VAL C 258 25.63 -16.64 -17.03
CA VAL C 258 25.56 -16.62 -17.04
C VAL C 258 25.69 -18.09 -17.50
C VAL C 258 25.67 -18.07 -17.50
N ILE C 259 24.74 -18.49 -18.36
CA ILE C 259 24.68 -19.89 -18.79
C ILE C 259 24.75 -20.06 -20.30
N PRO C 260 25.86 -19.70 -20.95
CA PRO C 260 25.92 -19.82 -22.41
C PRO C 260 25.89 -21.28 -22.87
N LYS C 261 25.34 -21.49 -24.06
CA LYS C 261 25.31 -22.80 -24.70
C LYS C 261 26.24 -22.80 -25.90
N SER C 262 26.97 -23.90 -26.07
CA SER C 262 27.74 -24.13 -27.29
C SER C 262 27.83 -25.62 -27.56
N SER C 263 27.64 -26.00 -28.82
CA SER C 263 27.82 -27.39 -29.24
C SER C 263 29.22 -27.67 -29.73
N LYS C 264 30.15 -26.73 -29.55
CA LYS C 264 31.54 -26.87 -29.99
C LYS C 264 32.44 -26.84 -28.76
N THR C 265 33.26 -27.88 -28.59
CA THR C 265 34.20 -27.92 -27.46
C THR C 265 35.11 -26.71 -27.46
N LYS C 266 35.51 -26.28 -28.66
CA LYS C 266 36.29 -25.06 -28.84
C LYS C 266 35.64 -23.87 -28.16
N ARG C 267 34.33 -23.67 -28.36
CA ARG C 267 33.68 -22.53 -27.71
C ARG C 267 33.39 -22.81 -26.24
N LEU C 268 33.15 -24.07 -25.87
CA LEU C 268 33.12 -24.43 -24.46
C LEU C 268 34.38 -23.96 -23.75
N GLU C 269 35.53 -24.30 -24.35
CA GLU C 269 36.83 -23.78 -23.93
C GLU C 269 36.84 -22.24 -23.86
N GLU C 270 36.39 -21.59 -24.93
CA GLU C 270 36.36 -20.13 -24.98
C GLU C 270 35.49 -19.53 -23.88
N ASN C 271 34.28 -20.06 -23.72
CA ASN C 271 33.30 -19.40 -22.84
C ASN C 271 33.67 -19.54 -21.37
N LEU C 272 34.42 -20.58 -21.00
CA LEU C 272 34.82 -20.75 -19.61
C LEU C 272 36.02 -19.89 -19.24
N ASN C 273 36.79 -19.45 -20.22
CA ASN C 273 38.04 -18.73 -19.97
C ASN C 273 37.77 -17.23 -19.92
N ILE C 274 37.05 -16.83 -18.86
CA ILE C 274 36.66 -15.43 -18.70
C ILE C 274 37.03 -14.96 -17.30
N PHE C 275 37.88 -15.71 -16.61
CA PHE C 275 38.28 -15.38 -15.25
C PHE C 275 39.74 -14.98 -15.15
N ASP C 276 40.42 -14.82 -16.28
CA ASP C 276 41.81 -14.37 -16.32
C ASP C 276 41.94 -12.93 -16.78
N PHE C 277 40.85 -12.17 -16.80
CA PHE C 277 40.90 -10.76 -17.17
C PHE C 277 39.71 -10.06 -16.53
N GLU C 278 39.71 -8.73 -16.60
CA GLU C 278 38.60 -7.96 -16.07
C GLU C 278 38.32 -6.78 -16.98
N LEU C 279 37.05 -6.40 -17.04
CA LEU C 279 36.62 -5.22 -17.76
C LEU C 279 36.63 -4.03 -16.80
N SER C 280 37.16 -2.91 -17.27
CA SER C 280 37.21 -1.70 -16.46
C SER C 280 35.81 -1.11 -16.32
N LYS C 281 35.69 -0.15 -15.39
CA LYS C 281 34.44 0.59 -15.26
C LYS C 281 34.09 1.33 -16.54
N GLU C 282 35.11 1.87 -17.22
CA GLU C 282 34.85 2.52 -18.51
C GLU C 282 34.41 1.50 -19.56
N ASP C 283 35.06 0.34 -19.61
CA ASP C 283 34.61 -0.73 -20.49
C ASP C 283 33.14 -1.06 -20.21
N MET C 284 32.78 -1.11 -18.93
CA MET C 284 31.44 -1.51 -18.54
C MET C 284 30.42 -0.48 -19.01
N GLU C 285 30.79 0.80 -18.91
CA GLU C 285 29.91 1.89 -19.33
C GLU C 285 29.73 1.91 -20.83
N LEU C 286 30.78 1.57 -21.58
CA LEU C 286 30.64 1.44 -23.03
C LEU C 286 29.66 0.35 -23.39
N ILE C 287 29.76 -0.81 -22.74
CA ILE C 287 28.80 -1.88 -22.99
C ILE C 287 27.41 -1.44 -22.57
N LYS C 288 27.30 -0.62 -21.53
CA LYS C 288 25.99 -0.14 -21.10
C LYS C 288 25.28 0.63 -22.20
N THR C 289 26.02 1.37 -23.02
CA THR C 289 25.42 2.10 -24.13
C THR C 289 24.78 1.18 -25.17
N MET C 290 25.15 -0.10 -25.18
CA MET C 290 24.58 -1.03 -26.16
C MET C 290 23.13 -1.37 -25.88
N GLU C 291 22.61 -1.08 -24.69
CA GLU C 291 21.20 -1.29 -24.38
C GLU C 291 20.25 -0.83 -25.49
N ARG C 292 19.48 -1.79 -25.99
CA ARG C 292 18.39 -1.57 -26.93
C ARG C 292 17.04 -1.92 -26.36
N ASN C 293 16.99 -2.53 -25.18
CA ASN C 293 15.75 -3.02 -24.58
C ASN C 293 15.00 -3.91 -25.55
N GLN C 294 15.74 -4.80 -26.21
CA GLN C 294 15.19 -5.57 -27.33
C GLN C 294 15.31 -7.05 -27.00
N ARG C 295 14.18 -7.65 -26.65
CA ARG C 295 14.12 -9.07 -26.36
C ARG C 295 14.42 -9.89 -27.60
N SER C 296 15.21 -10.96 -27.43
CA SER C 296 15.53 -11.85 -28.54
C SER C 296 14.66 -13.10 -28.55
N ASN C 297 14.48 -13.74 -27.41
CA ASN C 297 13.80 -15.03 -27.31
C ASN C 297 12.34 -14.78 -26.92
N THR C 298 11.42 -15.12 -27.83
CA THR C 298 10.00 -15.03 -27.53
C THR C 298 9.27 -16.25 -28.07
N PRO C 299 8.37 -16.84 -27.29
CA PRO C 299 7.62 -18.01 -27.77
C PRO C 299 6.33 -17.62 -28.49
N ALA C 300 6.26 -16.36 -28.92
CA ALA C 300 5.00 -15.82 -29.45
C ALA C 300 4.43 -16.69 -30.56
N LYS C 301 5.24 -17.04 -31.54
CA LYS C 301 4.67 -17.75 -32.67
C LYS C 301 4.63 -19.26 -32.47
N ALA C 302 5.50 -19.82 -31.64
CA ALA C 302 5.35 -21.23 -31.26
C ALA C 302 4.05 -21.44 -30.49
N TRP C 303 3.71 -20.53 -29.57
CA TRP C 303 2.49 -20.64 -28.81
C TRP C 303 1.28 -20.04 -29.52
N GLY C 304 1.49 -19.25 -30.56
CA GLY C 304 0.39 -18.56 -31.20
C GLY C 304 -0.18 -17.40 -30.42
N ILE C 305 0.51 -16.97 -29.36
CA ILE C 305 0.13 -15.82 -28.55
C ILE C 305 1.37 -15.02 -28.20
N ASP C 306 1.33 -13.72 -28.44
CA ASP C 306 2.42 -12.85 -28.00
C ASP C 306 2.18 -12.53 -26.52
N VAL C 307 2.75 -13.34 -25.64
CA VAL C 307 2.63 -13.12 -24.21
C VAL C 307 3.26 -11.82 -23.75
N TYR C 308 4.06 -11.17 -24.60
CA TYR C 308 4.64 -9.87 -24.31
C TYR C 308 3.87 -8.73 -24.95
N ALA C 309 2.61 -8.97 -25.32
CA ALA C 309 1.78 -7.97 -25.96
C ALA C 309 1.48 -6.79 -25.03
N MET D 1 -1.68 -12.93 39.91
CA MET D 1 -0.79 -13.62 38.99
C MET D 1 -1.30 -13.60 37.53
N ALA D 2 -0.43 -14.03 36.62
CA ALA D 2 -0.68 -13.87 35.19
C ALA D 2 0.04 -14.96 34.42
N ILE D 3 -0.48 -15.27 33.23
CA ILE D 3 0.10 -16.25 32.34
C ILE D 3 0.75 -15.50 31.18
N THR D 4 1.97 -15.89 30.85
CA THR D 4 2.65 -15.30 29.70
C THR D 4 2.21 -16.02 28.43
N LEU D 5 1.62 -15.28 27.50
CA LEU D 5 1.13 -15.85 26.25
C LEU D 5 2.28 -16.09 25.29
N ASN D 6 2.02 -16.91 24.27
CA ASN D 6 3.06 -17.15 23.27
C ASN D 6 3.36 -15.90 22.44
N SER D 7 2.54 -14.87 22.57
CA SER D 7 2.80 -13.56 21.97
C SER D 7 3.76 -12.71 22.78
N GLY D 8 4.10 -13.15 24.00
CA GLY D 8 4.99 -12.41 24.87
C GLY D 8 4.28 -11.55 25.91
N PHE D 9 2.99 -11.30 25.74
CA PHE D 9 2.24 -10.46 26.66
C PHE D 9 1.67 -11.28 27.81
N LYS D 10 1.59 -10.65 28.98
CA LYS D 10 1.09 -11.29 30.19
C LYS D 10 -0.40 -11.05 30.34
N MET D 11 -1.14 -12.11 30.68
CA MET D 11 -2.59 -12.01 30.74
C MET D 11 -3.04 -12.43 32.14
N PRO D 12 -3.73 -11.56 32.88
CA PRO D 12 -4.08 -11.86 34.26
C PRO D 12 -5.00 -13.08 34.34
N VAL D 13 -4.74 -13.94 35.33
CA VAL D 13 -5.46 -15.20 35.38
C VAL D 13 -6.86 -15.06 35.95
N LEU D 14 -7.20 -13.92 36.52
CA LEU D 14 -8.59 -13.67 36.94
C LEU D 14 -9.08 -12.42 36.23
N GLY D 15 -10.16 -12.57 35.45
CA GLY D 15 -10.77 -11.44 34.81
C GLY D 15 -12.27 -11.42 35.10
N LEU D 16 -12.91 -10.34 34.63
CA LEU D 16 -14.36 -10.18 34.78
C LEU D 16 -15.00 -10.30 33.40
N GLY D 17 -15.95 -11.23 33.28
CA GLY D 17 -16.78 -11.31 32.08
C GLY D 17 -18.00 -10.42 32.19
N VAL D 18 -18.47 -9.90 31.04
CA VAL D 18 -19.55 -8.93 31.05
C VAL D 18 -20.79 -9.41 30.29
N TRP D 19 -20.83 -10.66 29.87
CA TRP D 19 -22.04 -11.19 29.25
C TRP D 19 -23.19 -11.15 30.25
N ARG D 20 -24.34 -10.65 29.80
CA ARG D 20 -25.60 -10.59 30.56
C ARG D 20 -25.58 -9.57 31.69
N MET D 21 -24.61 -8.67 31.72
CA MET D 21 -24.66 -7.56 32.66
C MET D 21 -25.79 -6.60 32.29
N ASP D 22 -26.52 -6.13 33.32
CA ASP D 22 -27.51 -5.09 33.09
C ASP D 22 -26.82 -3.87 32.48
N ARG D 23 -27.32 -3.42 31.33
CA ARG D 23 -26.62 -2.39 30.58
C ARG D 23 -26.63 -1.06 31.32
N ASN D 24 -27.63 -0.82 32.16
CA ASN D 24 -27.63 0.38 32.99
C ASN D 24 -26.68 0.28 34.17
N GLU D 25 -26.12 -0.90 34.44
CA GLU D 25 -25.25 -1.09 35.59
C GLU D 25 -23.80 -1.39 35.23
N ILE D 26 -23.48 -1.60 33.95
CA ILE D 26 -22.12 -1.99 33.58
C ILE D 26 -21.12 -0.91 33.98
N LYS D 27 -21.47 0.36 33.79
CA LYS D 27 -20.53 1.41 34.14
C LYS D 27 -20.16 1.36 35.61
N ASN D 28 -21.17 1.33 36.49
CA ASN D 28 -20.89 1.21 37.92
C ASN D 28 -20.17 -0.08 38.25
N LEU D 29 -20.56 -1.18 37.61
CA LEU D 29 -19.93 -2.47 37.93
C LEU D 29 -18.48 -2.49 37.50
N LEU D 30 -18.18 -2.00 36.30
CA LEU D 30 -16.80 -2.03 35.80
C LEU D 30 -15.92 -1.07 36.59
N LEU D 31 -16.42 0.13 36.90
CA LEU D 31 -15.63 1.04 37.72
C LEU D 31 -15.40 0.44 39.10
N SER D 32 -16.40 -0.21 39.66
CA SER D 32 -16.22 -0.84 40.96
C SER D 32 -15.24 -2.01 40.89
N ALA D 33 -15.29 -2.78 39.80
CA ALA D 33 -14.37 -3.92 39.63
C ALA D 33 -12.94 -3.44 39.50
N ILE D 34 -12.72 -2.42 38.67
CA ILE D 34 -11.38 -1.83 38.51
C ILE D 34 -10.85 -1.34 39.85
N ASN D 35 -11.69 -0.62 40.60
CA ASN D 35 -11.26 -0.14 41.91
C ASN D 35 -10.86 -1.30 42.81
N LEU D 36 -11.61 -2.40 42.76
CA LEU D 36 -11.31 -3.56 43.61
C LEU D 36 -10.03 -4.25 43.20
N GLY D 37 -9.56 -4.08 41.96
CA GLY D 37 -8.35 -4.72 41.52
C GLY D 37 -8.44 -5.51 40.23
N TYR D 38 -9.63 -5.61 39.64
CA TYR D 38 -9.74 -6.28 38.34
C TYR D 38 -8.98 -5.50 37.27
N ARG D 39 -8.24 -6.23 36.46
CA ARG D 39 -7.49 -5.64 35.35
C ARG D 39 -7.81 -6.29 34.01
N HIS D 40 -8.32 -7.51 34.00
CA HIS D 40 -8.63 -8.25 32.80
C HIS D 40 -10.15 -8.23 32.64
N PHE D 41 -10.61 -7.82 31.46
CA PHE D 41 -12.04 -7.74 31.18
C PHE D 41 -12.34 -8.47 29.88
N ASP D 42 -13.36 -9.34 29.92
CA ASP D 42 -13.74 -10.16 28.78
C ASP D 42 -15.04 -9.62 28.19
N CYS D 43 -14.95 -9.08 26.98
CA CYS D 43 -16.03 -8.40 26.30
C CYS D 43 -16.32 -9.14 25.00
N ALA D 44 -17.34 -8.66 24.28
CA ALA D 44 -17.63 -9.20 22.96
C ALA D 44 -18.54 -8.25 22.20
N ALA D 45 -18.34 -8.16 20.89
CA ALA D 45 -19.22 -7.35 20.07
C ALA D 45 -20.67 -7.77 20.25
N ASP D 46 -20.94 -9.08 20.29
CA ASP D 46 -22.29 -9.59 20.37
C ASP D 46 -22.89 -9.57 21.78
N TYR D 47 -22.15 -9.11 22.80
CA TYR D 47 -22.78 -8.79 24.07
C TYR D 47 -23.49 -7.45 24.04
N LYS D 48 -23.25 -6.65 23.01
CA LYS D 48 -23.96 -5.39 22.75
C LYS D 48 -23.89 -4.42 23.92
N ASN D 49 -22.77 -4.44 24.65
CA ASN D 49 -22.53 -3.46 25.69
C ASN D 49 -21.13 -2.85 25.60
N GLU D 50 -20.48 -2.92 24.43
CA GLU D 50 -19.15 -2.37 24.27
C GLU D 50 -19.14 -0.86 24.51
N LEU D 51 -20.19 -0.17 24.08
CA LEU D 51 -20.26 1.27 24.31
C LEU D 51 -20.23 1.59 25.80
N GLU D 52 -21.07 0.92 26.59
CA GLU D 52 -21.09 1.17 28.02
C GLU D 52 -19.78 0.76 28.67
N VAL D 53 -19.18 -0.34 28.20
CA VAL D 53 -17.86 -0.74 28.68
C VAL D 53 -16.85 0.36 28.40
N GLY D 54 -16.85 0.88 27.17
CA GLY D 54 -15.94 1.94 26.82
C GLY D 54 -16.11 3.18 27.68
N GLU D 55 -17.36 3.52 28.00
CA GLU D 55 -17.57 4.68 28.88
C GLU D 55 -17.00 4.43 30.27
N ALA D 56 -17.04 3.19 30.75
CA ALA D 56 -16.48 2.89 32.05
C ALA D 56 -14.96 3.03 32.06
N PHE D 57 -14.29 2.46 31.05
CA PHE D 57 -12.83 2.56 30.99
C PHE D 57 -12.41 4.02 30.87
N LYS D 58 -13.10 4.80 30.03
CA LYS D 58 -12.79 6.21 29.88
C LYS D 58 -12.86 6.94 31.22
N GLU D 59 -13.91 6.68 32.00
CA GLU D 59 -14.03 7.36 33.29
C GLU D 59 -12.97 6.88 34.28
N ALA D 60 -12.63 5.59 34.23
CA ALA D 60 -11.56 5.08 35.09
C ALA D 60 -10.24 5.77 34.77
N PHE D 61 -9.96 5.99 33.49
CA PHE D 61 -8.76 6.72 33.11
C PHE D 61 -8.83 8.17 33.55
N ASP D 62 -9.97 8.82 33.29
CA ASP D 62 -10.12 10.24 33.59
C ASP D 62 -10.01 10.53 35.09
N THR D 63 -10.39 9.57 35.93
CA THR D 63 -10.35 9.76 37.38
C THR D 63 -9.10 9.16 38.00
N ASP D 64 -8.13 8.74 37.19
CA ASP D 64 -6.85 8.19 37.64
C ASP D 64 -7.01 6.88 38.41
N LEU D 65 -8.13 6.18 38.18
CA LEU D 65 -8.33 4.90 38.83
C LEU D 65 -7.34 3.86 38.32
N VAL D 66 -7.09 3.84 37.00
CA VAL D 66 -6.10 3.00 36.35
C VAL D 66 -5.61 3.66 35.07
N LYS D 67 -4.56 3.09 34.50
CA LYS D 67 -4.03 3.51 33.21
C LYS D 67 -4.28 2.41 32.20
N ARG D 68 -4.42 2.80 30.92
CA ARG D 68 -4.77 1.86 29.87
C ARG D 68 -3.82 0.66 29.84
N GLU D 69 -2.51 0.91 29.96
CA GLU D 69 -1.57 -0.19 29.85
C GLU D 69 -1.65 -1.17 31.01
N ASP D 70 -2.34 -0.81 32.09
CA ASP D 70 -2.53 -1.74 33.20
C ASP D 70 -3.73 -2.66 32.99
N LEU D 71 -4.58 -2.40 31.99
CA LEU D 71 -5.74 -3.23 31.72
C LEU D 71 -5.42 -4.24 30.62
N PHE D 72 -6.06 -5.41 30.72
CA PHE D 72 -6.03 -6.42 29.66
C PHE D 72 -7.46 -6.54 29.15
N ILE D 73 -7.70 -6.02 27.95
CA ILE D 73 -9.05 -5.92 27.40
C ILE D 73 -9.19 -6.88 26.23
N THR D 74 -10.15 -7.79 26.33
CA THR D 74 -10.49 -8.75 25.29
C THR D 74 -11.86 -8.42 24.72
N THR D 75 -11.98 -8.46 23.39
CA THR D 75 -13.30 -8.57 22.79
C THR D 75 -13.21 -9.58 21.65
N LYS D 76 -14.33 -9.77 20.96
CA LYS D 76 -14.52 -10.94 20.11
C LYS D 76 -15.26 -10.57 18.84
N LEU D 77 -14.85 -11.23 17.75
CA LEU D 77 -15.45 -11.11 16.44
C LEU D 77 -16.68 -12.01 16.36
N TRP D 78 -17.84 -11.43 16.08
CA TRP D 78 -19.03 -12.27 16.05
C TRP D 78 -19.10 -13.10 14.76
N ASN D 79 -19.92 -14.16 14.82
CA ASN D 79 -20.12 -15.08 13.70
C ASN D 79 -20.54 -14.34 12.43
N SER D 80 -21.25 -13.23 12.57
CA SER D 80 -21.75 -12.51 11.40
C SER D 80 -20.67 -11.66 10.73
N ASP D 81 -19.48 -11.58 11.33
CA ASP D 81 -18.41 -10.73 10.82
C ASP D 81 -17.17 -11.53 10.40
N HIS D 82 -17.32 -12.83 10.14
CA HIS D 82 -16.15 -13.61 9.73
C HIS D 82 -15.58 -13.16 8.39
N GLY D 83 -16.34 -12.44 7.58
CA GLY D 83 -15.85 -11.89 6.33
C GLY D 83 -15.51 -10.42 6.36
N HIS D 84 -15.54 -9.80 7.53
CA HIS D 84 -15.34 -8.36 7.70
C HIS D 84 -14.50 -8.09 8.94
N VAL D 85 -13.37 -8.80 9.06
CA VAL D 85 -12.62 -8.82 10.31
C VAL D 85 -12.04 -7.45 10.63
N ILE D 86 -11.41 -6.80 9.64
CA ILE D 86 -10.77 -5.51 9.91
C ILE D 86 -11.82 -4.48 10.33
N GLU D 87 -12.92 -4.39 9.59
CA GLU D 87 -13.97 -3.44 9.93
C GLU D 87 -14.58 -3.75 11.29
N ALA D 88 -14.78 -5.04 11.59
CA ALA D 88 -15.39 -5.41 12.86
C ALA D 88 -14.48 -5.06 14.04
N CYS D 89 -13.19 -5.34 13.91
CA CYS D 89 -12.26 -5.00 14.98
C CYS D 89 -12.21 -3.49 15.19
N LYS D 90 -12.10 -2.73 14.10
CA LYS D 90 -12.08 -1.28 14.23
C LYS D 90 -13.36 -0.74 14.86
N ASN D 91 -14.51 -1.39 14.59
CA ASN D 91 -15.75 -0.95 15.21
C ASN D 91 -15.76 -1.25 16.69
N SER D 92 -15.24 -2.42 17.09
CA SER D 92 -15.10 -2.72 18.50
C SER D 92 -14.20 -1.69 19.18
N LEU D 93 -13.09 -1.34 18.54
CA LEU D 93 -12.20 -0.31 19.09
C LEU D 93 -12.92 1.02 19.22
N LYS D 94 -13.75 1.38 18.23
CA LYS D 94 -14.48 2.64 18.29
C LYS D 94 -15.46 2.65 19.46
N LYS D 95 -16.25 1.58 19.59
CA LYS D 95 -17.23 1.51 20.68
C LYS D 95 -16.55 1.51 22.04
N LEU D 96 -15.43 0.81 22.15
CA LEU D 96 -14.70 0.72 23.40
C LEU D 96 -13.85 1.95 23.68
N GLN D 97 -13.76 2.88 22.72
CA GLN D 97 -12.94 4.09 22.84
C GLN D 97 -11.47 3.77 23.04
N LEU D 98 -11.00 2.70 22.40
CA LEU D 98 -9.64 2.20 22.59
C LEU D 98 -8.83 2.38 21.31
N GLU D 99 -7.50 2.45 21.48
CA GLU D 99 -6.58 2.49 20.35
C GLU D 99 -6.12 1.10 19.93
N TYR D 100 -6.01 0.19 20.89
CA TYR D 100 -5.63 -1.19 20.63
C TYR D 100 -6.40 -2.09 21.57
N LEU D 101 -6.47 -3.36 21.20
CA LEU D 101 -6.99 -4.41 22.07
C LEU D 101 -5.83 -5.28 22.55
N ASP D 102 -5.94 -5.78 23.77
CA ASP D 102 -4.95 -6.74 24.24
C ASP D 102 -5.19 -8.11 23.61
N LEU D 103 -6.44 -8.49 23.43
CA LEU D 103 -6.76 -9.78 22.87
C LEU D 103 -8.04 -9.66 22.04
N TYR D 104 -8.02 -10.27 20.86
CA TYR D 104 -9.18 -10.32 19.98
C TYR D 104 -9.38 -11.77 19.58
N LEU D 105 -10.59 -12.29 19.78
CA LEU D 105 -10.89 -13.70 19.58
C LEU D 105 -11.95 -13.89 18.51
N ILE D 106 -11.78 -14.94 17.71
CA ILE D 106 -12.91 -15.47 16.94
C ILE D 106 -13.87 -16.12 17.92
N HIS D 107 -15.09 -15.58 18.00
CA HIS D 107 -16.02 -15.96 19.07
C HIS D 107 -16.47 -17.41 18.95
N PHE D 108 -16.72 -17.89 17.73
CA PHE D 108 -17.12 -19.27 17.47
C PHE D 108 -16.50 -19.71 16.16
N PRO D 109 -16.26 -21.01 15.99
CA PRO D 109 -15.87 -21.54 14.67
C PRO D 109 -17.06 -21.65 13.72
N MET D 110 -17.88 -20.61 13.71
CA MET D 110 -19.15 -20.56 12.98
C MET D 110 -19.20 -19.22 12.27
N ALA D 111 -19.48 -19.23 10.97
CA ALA D 111 -19.80 -18.01 10.25
C ALA D 111 -21.29 -18.04 9.89
N SER D 112 -21.98 -16.91 10.12
CA SER D 112 -23.37 -16.77 9.73
C SER D 112 -23.53 -15.47 8.95
N LYS D 113 -24.72 -15.31 8.39
CA LYS D 113 -25.02 -14.22 7.48
C LYS D 113 -24.66 -12.87 8.08
N HIS D 114 -23.90 -12.08 7.33
CA HIS D 114 -23.45 -10.79 7.82
C HIS D 114 -24.66 -9.88 8.06
N SER D 115 -24.66 -9.19 9.20
CA SER D 115 -25.78 -8.35 9.59
C SER D 115 -25.40 -6.89 9.73
N GLY D 116 -24.23 -6.49 9.22
CA GLY D 116 -23.81 -5.10 9.32
C GLY D 116 -22.76 -4.89 10.39
N ILE D 117 -21.82 -3.99 10.12
CA ILE D 117 -20.74 -3.69 11.05
C ILE D 117 -21.29 -2.84 12.19
N GLY D 118 -21.01 -3.24 13.42
CA GLY D 118 -21.54 -2.57 14.59
C GLY D 118 -22.87 -3.11 15.06
N THR D 119 -23.52 -3.97 14.26
CA THR D 119 -24.85 -4.49 14.56
C THR D 119 -24.83 -6.01 14.31
N THR D 120 -24.29 -6.75 15.28
CA THR D 120 -24.15 -8.19 15.15
C THR D 120 -25.46 -8.90 15.49
N ARG D 121 -25.76 -9.95 14.73
CA ARG D 121 -27.02 -10.66 14.85
C ARG D 121 -26.82 -12.07 14.33
N SER D 122 -27.51 -13.02 14.95
CA SER D 122 -27.57 -14.41 14.47
C SER D 122 -28.91 -14.53 13.72
N ILE D 123 -28.83 -14.49 12.39
CA ILE D 123 -30.02 -14.38 11.55
C ILE D 123 -30.58 -15.77 11.28
N LEU D 124 -31.84 -15.98 11.61
CA LEU D 124 -32.53 -17.24 11.34
C LEU D 124 -33.24 -17.16 9.99
N ASP D 125 -33.28 -18.30 9.30
CA ASP D 125 -34.12 -18.38 8.11
C ASP D 125 -35.59 -18.48 8.50
N ASP D 126 -36.46 -18.61 7.49
CA ASP D 126 -37.89 -18.66 7.76
C ASP D 126 -38.32 -19.92 8.50
N GLU D 127 -37.46 -20.93 8.61
CA GLU D 127 -37.73 -22.13 9.37
C GLU D 127 -37.13 -22.09 10.77
N GLY D 128 -36.60 -20.94 11.18
CA GLY D 128 -35.99 -20.82 12.49
C GLY D 128 -34.61 -21.43 12.61
N VAL D 129 -33.91 -21.62 11.50
CA VAL D 129 -32.59 -22.22 11.48
C VAL D 129 -31.57 -21.16 11.05
N LEU D 130 -30.44 -21.10 11.76
CA LEU D 130 -29.39 -20.13 11.48
C LEU D 130 -29.04 -20.10 10.00
N GLU D 131 -28.95 -18.89 9.46
CA GLU D 131 -28.45 -18.66 8.10
C GLU D 131 -26.93 -18.80 8.14
N VAL D 132 -26.46 -20.02 7.94
CA VAL D 132 -25.04 -20.31 8.03
C VAL D 132 -24.36 -19.82 6.76
N ASP D 133 -23.19 -19.20 6.94
CA ASP D 133 -22.37 -18.73 5.83
C ASP D 133 -21.43 -19.85 5.42
N THR D 134 -21.50 -20.27 4.15
CA THR D 134 -20.63 -21.34 3.65
C THR D 134 -19.65 -20.83 2.60
N THR D 135 -19.23 -19.57 2.72
CA THR D 135 -18.29 -18.98 1.79
C THR D 135 -16.96 -18.58 2.42
N ILE D 136 -16.90 -18.39 3.73
CA ILE D 136 -15.71 -17.87 4.40
C ILE D 136 -15.12 -18.96 5.28
N SER D 137 -13.91 -19.41 4.95
CA SER D 137 -13.27 -20.42 5.77
C SER D 137 -12.76 -19.82 7.07
N LEU D 138 -12.63 -20.69 8.09
CA LEU D 138 -12.01 -20.27 9.34
C LEU D 138 -10.58 -19.80 9.11
N GLU D 139 -9.87 -20.44 8.17
CA GLU D 139 -8.52 -19.99 7.85
C GLU D 139 -8.51 -18.57 7.27
N ALA D 140 -9.43 -18.28 6.35
CA ALA D 140 -9.47 -16.94 5.78
C ALA D 140 -9.71 -15.89 6.87
N THR D 141 -10.66 -16.17 7.76
CA THR D 141 -10.89 -15.30 8.90
C THR D 141 -9.62 -15.12 9.73
N TRP D 142 -8.91 -16.22 9.98
CA TRP D 142 -7.70 -16.14 10.80
C TRP D 142 -6.63 -15.27 10.14
N HIS D 143 -6.44 -15.43 8.83
CA HIS D 143 -5.42 -14.60 8.19
C HIS D 143 -5.77 -13.12 8.25
N GLU D 144 -7.05 -12.80 8.39
CA GLU D 144 -7.38 -11.40 8.60
C GLU D 144 -7.13 -10.99 10.05
N MET D 145 -7.34 -11.91 11.00
CA MET D 145 -6.95 -11.63 12.37
C MET D 145 -5.45 -11.36 12.46
N GLU D 146 -4.66 -12.07 11.66
CA GLU D 146 -3.23 -11.86 11.68
C GLU D 146 -2.86 -10.45 11.20
N LYS D 147 -3.61 -9.89 10.25
CA LYS D 147 -3.33 -8.53 9.82
C LYS D 147 -3.59 -7.50 10.92
N LEU D 148 -4.54 -7.75 11.81
CA LEU D 148 -4.78 -6.83 12.92
C LEU D 148 -3.53 -6.67 13.79
N VAL D 149 -2.78 -7.75 13.98
CA VAL D 149 -1.53 -7.65 14.75
C VAL D 149 -0.52 -6.82 13.98
N GLU D 150 -0.41 -7.07 12.68
CA GLU D 150 0.55 -6.37 11.85
C GLU D 150 0.23 -4.89 11.76
N MET D 151 -1.05 -4.52 11.81
CA MET D 151 -1.45 -3.11 11.83
C MET D 151 -1.38 -2.47 13.22
N GLY D 152 -1.04 -3.22 14.25
CA GLY D 152 -0.94 -2.64 15.57
C GLY D 152 -2.26 -2.44 16.29
N LEU D 153 -3.36 -2.93 15.74
CA LEU D 153 -4.65 -2.76 16.39
C LEU D 153 -4.86 -3.75 17.53
N VAL D 154 -4.21 -4.90 17.47
CA VAL D 154 -4.41 -5.98 18.43
C VAL D 154 -3.04 -6.53 18.82
N ARG D 155 -2.84 -6.74 20.11
CA ARG D 155 -1.57 -7.30 20.58
C ARG D 155 -1.51 -8.81 20.38
N SER D 156 -2.55 -9.52 20.79
CA SER D 156 -2.60 -10.97 20.72
C SER D 156 -3.95 -11.39 20.14
N ILE D 157 -3.94 -12.46 19.35
CA ILE D 157 -5.15 -12.95 18.70
C ILE D 157 -5.38 -14.39 19.11
N GLY D 158 -6.63 -14.81 19.08
CA GLY D 158 -6.94 -16.16 19.47
C GLY D 158 -8.34 -16.58 19.09
N ILE D 159 -8.78 -17.67 19.69
CA ILE D 159 -9.97 -18.39 19.27
C ILE D 159 -10.83 -18.68 20.49
N SER D 160 -12.08 -19.07 20.23
CA SER D 160 -13.01 -19.41 21.30
C SER D 160 -13.87 -20.57 20.82
N ASN D 161 -14.08 -21.54 21.72
CA ASN D 161 -14.92 -22.71 21.46
C ASN D 161 -14.40 -23.57 20.30
N TYR D 162 -13.08 -23.65 20.15
CA TYR D 162 -12.47 -24.57 19.19
C TYR D 162 -12.15 -25.89 19.90
N ASP D 163 -12.57 -27.01 19.30
CA ASP D 163 -12.30 -28.30 19.92
C ASP D 163 -10.92 -28.80 19.48
N VAL D 164 -10.62 -30.07 19.73
CA VAL D 164 -9.31 -30.60 19.38
C VAL D 164 -9.09 -30.55 17.89
N TYR D 165 -10.10 -30.93 17.11
CA TYR D 165 -9.96 -30.97 15.65
C TYR D 165 -9.73 -29.57 15.09
N LEU D 166 -10.54 -28.60 15.53
CA LEU D 166 -10.41 -27.26 14.99
C LEU D 166 -9.12 -26.61 15.45
N THR D 167 -8.65 -26.96 16.66
CA THR D 167 -7.41 -26.38 17.18
C THR D 167 -6.22 -26.94 16.42
N ARG D 168 -6.24 -28.24 16.11
CA ARG D 168 -5.17 -28.81 15.29
C ARG D 168 -5.12 -28.14 13.93
N ASP D 169 -6.29 -27.85 13.36
CA ASP D 169 -6.34 -27.25 12.04
C ASP D 169 -5.73 -25.85 12.04
N ILE D 170 -6.12 -25.00 13.00
CA ILE D 170 -5.54 -23.66 13.04
C ILE D 170 -4.05 -23.72 13.34
N LEU D 171 -3.61 -24.67 14.17
CA LEU D 171 -2.18 -24.83 14.37
C LEU D 171 -1.47 -25.13 13.05
N SER D 172 -2.14 -25.82 12.13
CA SER D 172 -1.54 -26.18 10.86
C SER D 172 -1.50 -25.00 9.88
N TYR D 173 -2.56 -24.18 9.80
CA TYR D 173 -2.58 -23.14 8.78
C TYR D 173 -2.18 -21.76 9.29
N SER D 174 -2.03 -21.56 10.59
CA SER D 174 -1.74 -20.22 11.10
C SER D 174 -0.27 -19.86 10.86
N LYS D 175 -0.05 -18.56 10.60
CA LYS D 175 1.30 -18.01 10.62
C LYS D 175 1.64 -17.46 11.99
N ILE D 176 0.71 -16.73 12.59
CA ILE D 176 0.77 -16.37 14.01
C ILE D 176 -0.10 -17.39 14.73
N LYS D 177 0.51 -18.17 15.62
CA LYS D 177 -0.28 -19.15 16.34
C LYS D 177 -1.27 -18.45 17.26
N PRO D 178 -2.45 -19.02 17.48
CA PRO D 178 -3.39 -18.44 18.43
C PRO D 178 -2.79 -18.40 19.82
N ALA D 179 -3.01 -17.28 20.53
CA ALA D 179 -2.46 -17.13 21.87
C ALA D 179 -3.36 -17.77 22.93
N VAL D 180 -4.65 -17.84 22.66
CA VAL D 180 -5.65 -18.22 23.64
C VAL D 180 -6.73 -19.01 22.92
N ASN D 181 -7.24 -20.05 23.58
CA ASN D 181 -8.49 -20.69 23.22
C ASN D 181 -9.41 -20.52 24.42
N GLN D 182 -10.48 -19.74 24.27
CA GLN D 182 -11.42 -19.52 25.37
C GLN D 182 -12.53 -20.55 25.22
N ILE D 183 -12.61 -21.47 26.17
CA ILE D 183 -13.54 -22.59 26.12
C ILE D 183 -14.31 -22.68 27.43
N GLU D 184 -15.49 -23.30 27.38
CA GLU D 184 -16.22 -23.59 28.61
C GLU D 184 -15.49 -24.68 29.36
N THR D 185 -15.13 -24.40 30.60
CA THR D 185 -14.64 -25.48 31.47
C THR D 185 -14.80 -25.05 32.92
N HIS D 186 -15.14 -26.03 33.75
CA HIS D 186 -15.54 -25.87 35.14
C HIS D 186 -15.61 -27.27 35.76
N PRO D 187 -15.91 -27.43 37.06
CA PRO D 187 -15.78 -28.76 37.66
C PRO D 187 -16.70 -29.84 37.07
N TYR D 188 -17.80 -29.50 36.40
CA TYR D 188 -18.64 -30.53 35.78
C TYR D 188 -18.30 -30.77 34.31
N PHE D 189 -17.36 -30.02 33.74
CA PHE D 189 -16.98 -30.08 32.32
C PHE D 189 -15.48 -29.76 32.31
N GLN D 190 -14.67 -30.73 32.75
CA GLN D 190 -13.27 -30.46 33.04
C GLN D 190 -12.38 -30.54 31.81
N ARG D 191 -12.76 -31.34 30.82
CA ARG D 191 -12.19 -31.27 29.48
C ARG D 191 -10.66 -31.41 29.46
N ASP D 192 -10.13 -32.34 30.26
CA ASP D 192 -8.68 -32.50 30.42
C ASP D 192 -7.97 -32.67 29.08
N SER D 193 -8.54 -33.47 28.17
CA SER D 193 -7.87 -33.75 26.90
C SER D 193 -7.68 -32.48 26.06
N LEU D 194 -8.68 -31.60 26.03
CA LEU D 194 -8.56 -30.42 25.19
C LEU D 194 -7.62 -29.39 25.81
N ILE D 195 -7.69 -29.22 27.13
CA ILE D 195 -6.76 -28.31 27.80
C ILE D 195 -5.33 -28.79 27.62
N LYS D 196 -5.12 -30.09 27.70
CA LYS D 196 -3.77 -30.63 27.63
C LYS D 196 -3.23 -30.54 26.20
N PHE D 197 -4.11 -30.70 25.22
CA PHE D 197 -3.73 -30.51 23.83
C PHE D 197 -3.31 -29.07 23.57
N CYS D 198 -4.13 -28.12 24.01
CA CYS D 198 -3.82 -26.72 23.79
C CYS D 198 -2.51 -26.35 24.49
N HIS D 199 -2.35 -26.79 25.74
CA HIS D 199 -1.14 -26.47 26.48
C HIS D 199 0.09 -27.07 25.83
N LYS D 200 -0.04 -28.27 25.26
CA LYS D 200 1.09 -28.92 24.62
C LYS D 200 1.67 -28.05 23.51
N TYR D 201 0.81 -27.27 22.86
CA TYR D 201 1.22 -26.43 21.74
C TYR D 201 1.31 -24.96 22.11
N GLY D 202 1.34 -24.65 23.42
CA GLY D 202 1.58 -23.29 23.85
C GLY D 202 0.39 -22.37 23.80
N ILE D 203 -0.81 -22.91 23.62
CA ILE D 203 -2.02 -22.09 23.59
C ILE D 203 -2.58 -22.02 25.00
N ALA D 204 -2.77 -20.80 25.50
CA ALA D 204 -3.35 -20.64 26.83
C ALA D 204 -4.85 -20.92 26.78
N ILE D 205 -5.38 -21.36 27.92
CA ILE D 205 -6.80 -21.69 28.04
C ILE D 205 -7.44 -20.63 28.93
N THR D 206 -8.43 -19.92 28.40
CA THR D 206 -9.34 -19.14 29.24
C THR D 206 -10.59 -19.96 29.45
N ALA D 207 -10.98 -20.12 30.71
CA ALA D 207 -12.19 -20.85 31.07
C ALA D 207 -13.35 -19.87 31.07
N HIS D 208 -14.16 -19.87 30.02
CA HIS D 208 -15.42 -19.18 30.19
C HIS D 208 -16.40 -20.10 30.93
N THR D 209 -17.50 -19.51 31.41
CA THR D 209 -18.45 -20.19 32.27
C THR D 209 -17.67 -20.85 33.43
N PRO D 210 -16.72 -20.16 34.06
CA PRO D 210 -15.83 -20.87 34.97
C PRO D 210 -16.49 -21.35 36.24
N LEU D 211 -17.64 -20.79 36.60
CA LEU D 211 -18.38 -21.25 37.77
C LEU D 211 -19.36 -22.36 37.43
N GLY D 212 -19.49 -22.70 36.14
CA GLY D 212 -20.56 -23.55 35.67
C GLY D 212 -21.84 -22.81 35.32
N GLY D 213 -21.84 -21.47 35.38
CA GLY D 213 -22.99 -20.67 35.05
C GLY D 213 -24.00 -20.47 36.17
N ALA D 214 -23.90 -21.24 37.26
CA ALA D 214 -24.77 -21.06 38.44
C ALA D 214 -26.26 -21.04 38.07
N LEU D 215 -27.06 -20.29 38.84
CA LEU D 215 -28.49 -20.14 38.55
C LEU D 215 -28.79 -19.61 37.16
N ALA D 216 -27.96 -18.71 36.62
CA ALA D 216 -28.26 -18.13 35.32
C ALA D 216 -28.32 -19.20 34.24
N ASN D 217 -27.34 -20.11 34.21
CA ASN D 217 -27.37 -21.16 33.21
C ASN D 217 -28.35 -22.28 33.54
N THR D 218 -28.64 -22.49 34.83
CA THR D 218 -29.72 -23.42 35.18
C THR D 218 -31.04 -22.96 34.57
N GLU D 219 -31.34 -21.67 34.71
CA GLU D 219 -32.57 -21.14 34.14
C GLU D 219 -32.51 -21.10 32.61
N ARG D 220 -31.39 -20.65 32.05
CA ARG D 220 -31.33 -20.43 30.60
C ARG D 220 -31.14 -21.73 29.83
N PHE D 221 -30.28 -22.63 30.32
CA PHE D 221 -29.91 -23.84 29.58
C PHE D 221 -30.35 -25.13 30.25
N GLY D 222 -30.83 -25.09 31.49
CA GLY D 222 -31.17 -26.30 32.20
C GLY D 222 -29.99 -27.05 32.78
N SER D 223 -28.82 -26.41 32.88
CA SER D 223 -27.64 -27.08 33.41
C SER D 223 -27.72 -27.16 34.94
N VAL D 224 -26.95 -28.10 35.48
CA VAL D 224 -26.81 -28.28 36.92
C VAL D 224 -25.65 -27.43 37.39
N SER D 225 -25.89 -26.58 38.38
CA SER D 225 -24.82 -25.78 38.96
C SER D 225 -23.97 -26.63 39.90
N CYS D 226 -22.66 -26.48 39.79
CA CYS D 226 -21.78 -27.26 40.67
C CYS D 226 -21.61 -26.65 42.05
N LEU D 227 -22.13 -25.44 42.28
CA LEU D 227 -21.71 -24.64 43.43
C LEU D 227 -22.22 -25.19 44.76
N ASP D 228 -23.26 -26.02 44.75
CA ASP D 228 -23.73 -26.61 46.00
C ASP D 228 -23.29 -28.06 46.13
N ASP D 229 -22.32 -28.49 45.33
CA ASP D 229 -21.83 -29.86 45.40
C ASP D 229 -21.19 -30.13 46.76
N PRO D 230 -21.43 -31.30 47.36
CA PRO D 230 -20.83 -31.59 48.67
C PRO D 230 -19.31 -31.54 48.66
N VAL D 231 -18.66 -31.87 47.54
CA VAL D 231 -17.19 -31.76 47.47
C VAL D 231 -16.77 -30.33 47.74
N LEU D 232 -17.43 -29.37 47.10
CA LEU D 232 -17.07 -27.98 47.28
C LEU D 232 -17.44 -27.45 48.65
N LYS D 233 -18.51 -27.99 49.27
CA LYS D 233 -18.85 -27.48 50.59
C LYS D 233 -17.85 -27.94 51.63
N LYS D 234 -17.34 -29.17 51.51
CA LYS D 234 -16.30 -29.62 52.42
C LYS D 234 -15.04 -28.75 52.28
N LEU D 235 -14.64 -28.49 51.04
CA LEU D 235 -13.48 -27.64 50.82
C LEU D 235 -13.76 -26.20 51.25
N SER D 236 -15.00 -25.74 51.07
CA SER D 236 -15.40 -24.41 51.52
C SER D 236 -15.27 -24.29 53.04
N ASP D 237 -15.78 -25.31 53.76
CA ASP D 237 -15.68 -25.29 55.21
C ASP D 237 -14.22 -25.29 55.65
N LYS D 238 -13.38 -26.09 54.99
CA LYS D 238 -11.99 -26.25 55.45
C LYS D 238 -11.17 -24.99 55.19
N HIS D 239 -11.35 -24.37 54.04
CA HIS D 239 -10.52 -23.23 53.64
C HIS D 239 -11.13 -21.89 54.04
N ASN D 240 -12.34 -21.89 54.60
CA ASN D 240 -13.05 -20.67 54.97
C ASN D 240 -13.18 -19.76 53.75
N LYS D 241 -13.58 -20.38 52.64
CA LYS D 241 -13.81 -19.72 51.37
C LYS D 241 -15.13 -20.22 50.82
N SER D 242 -15.76 -19.42 49.97
CA SER D 242 -17.03 -19.84 49.39
C SER D 242 -16.80 -20.90 48.33
N PRO D 243 -17.82 -21.73 48.05
CA PRO D 243 -17.70 -22.68 46.94
C PRO D 243 -17.23 -22.04 45.64
N ALA D 244 -17.72 -20.84 45.31
CA ALA D 244 -17.26 -20.17 44.11
C ALA D 244 -15.76 -19.89 44.16
N GLN D 245 -15.26 -19.45 45.31
CA GLN D 245 -13.82 -19.16 45.43
C GLN D 245 -13.00 -20.44 45.29
N ILE D 246 -13.50 -21.55 45.84
CA ILE D 246 -12.82 -22.83 45.64
C ILE D 246 -12.72 -23.15 44.15
N VAL D 247 -13.84 -22.96 43.43
CA VAL D 247 -13.88 -23.29 42.01
C VAL D 247 -12.93 -22.40 41.22
N LEU D 248 -12.90 -21.10 41.53
CA LEU D 248 -12.00 -20.21 40.81
C LEU D 248 -10.54 -20.53 41.12
N ARG D 249 -10.23 -20.79 42.40
CA ARG D 249 -8.88 -21.19 42.75
C ARG D 249 -8.48 -22.47 42.03
N TRP D 250 -9.41 -23.43 41.93
CA TRP D 250 -9.15 -24.66 41.19
C TRP D 250 -8.79 -24.37 39.73
N GLY D 251 -9.56 -23.50 39.08
CA GLY D 251 -9.23 -23.15 37.71
C GLY D 251 -7.86 -22.52 37.59
N VAL D 252 -7.51 -21.66 38.54
CA VAL D 252 -6.18 -21.03 38.51
C VAL D 252 -5.09 -22.07 38.68
N GLN D 253 -5.27 -23.03 39.60
CA GLN D 253 -4.23 -24.02 39.82
C GLN D 253 -4.15 -25.05 38.70
N ARG D 254 -5.16 -25.13 37.83
CA ARG D 254 -5.05 -25.91 36.59
C ARG D 254 -4.30 -25.15 35.48
N ASN D 255 -3.71 -24.00 35.81
N ASN D 255 -3.71 -24.00 35.81
CA ASN D 255 -2.98 -23.17 34.83
CA ASN D 255 -2.97 -23.18 34.85
C ASN D 255 -3.91 -22.69 33.73
C ASN D 255 -3.90 -22.67 33.74
N THR D 256 -5.12 -22.31 34.12
CA THR D 256 -6.05 -21.67 33.20
C THR D 256 -6.35 -20.27 33.69
N ILE D 257 -6.92 -19.48 32.80
CA ILE D 257 -7.39 -18.14 33.06
C ILE D 257 -8.89 -18.22 33.25
N VAL D 258 -9.40 -17.55 34.28
N VAL D 258 -9.39 -17.62 34.30
CA VAL D 258 -10.77 -17.72 34.75
CA VAL D 258 -10.79 -17.75 34.68
C VAL D 258 -11.47 -16.36 34.68
C VAL D 258 -11.44 -16.37 34.61
N ILE D 259 -12.64 -16.31 34.04
CA ILE D 259 -13.31 -15.02 33.81
C ILE D 259 -14.74 -15.01 34.35
N PRO D 260 -14.93 -15.14 35.66
CA PRO D 260 -16.30 -15.14 36.20
C PRO D 260 -17.00 -13.80 36.02
N LYS D 261 -18.32 -13.86 35.86
CA LYS D 261 -19.17 -12.69 35.82
C LYS D 261 -20.02 -12.62 37.08
N SER D 262 -20.13 -11.44 37.67
CA SER D 262 -21.14 -11.17 38.67
C SER D 262 -21.68 -9.76 38.45
N SER D 263 -22.96 -9.58 38.74
CA SER D 263 -23.59 -8.26 38.73
C SER D 263 -23.63 -7.64 40.12
N LYS D 264 -22.98 -8.26 41.09
CA LYS D 264 -23.01 -7.84 42.49
C LYS D 264 -21.59 -7.47 42.91
N THR D 265 -21.38 -6.23 43.37
CA THR D 265 -20.04 -5.79 43.74
C THR D 265 -19.47 -6.62 44.88
N LYS D 266 -20.34 -7.08 45.77
CA LYS D 266 -19.94 -7.99 46.83
C LYS D 266 -19.35 -9.29 46.29
N ARG D 267 -19.88 -9.82 45.19
CA ARG D 267 -19.29 -11.01 44.61
C ARG D 267 -18.08 -10.69 43.74
N LEU D 268 -18.04 -9.51 43.12
CA LEU D 268 -16.83 -9.07 42.43
C LEU D 268 -15.63 -9.16 43.37
N GLU D 269 -15.78 -8.64 44.58
CA GLU D 269 -14.68 -8.66 45.53
C GLU D 269 -14.37 -10.08 46.01
N GLU D 270 -15.42 -10.89 46.20
CA GLU D 270 -15.24 -12.27 46.62
C GLU D 270 -14.50 -13.07 45.58
N ASN D 271 -14.89 -12.92 44.31
CA ASN D 271 -14.31 -13.73 43.24
C ASN D 271 -12.84 -13.35 43.00
N LEU D 272 -12.46 -12.11 43.32
CA LEU D 272 -11.08 -11.68 43.17
C LEU D 272 -10.20 -12.13 44.32
N ASN D 273 -10.79 -12.46 45.46
CA ASN D 273 -10.03 -12.76 46.68
C ASN D 273 -9.74 -14.27 46.76
N ILE D 274 -8.90 -14.72 45.82
CA ILE D 274 -8.57 -16.15 45.75
C ILE D 274 -7.07 -16.38 45.75
N PHE D 275 -6.28 -15.37 46.13
CA PHE D 275 -4.83 -15.48 46.08
C PHE D 275 -4.21 -15.52 47.48
N ASP D 276 -5.04 -15.69 48.51
CA ASP D 276 -4.58 -15.77 49.88
C ASP D 276 -4.73 -17.16 50.47
N PHE D 277 -5.00 -18.16 49.64
CA PHE D 277 -5.04 -19.54 50.09
C PHE D 277 -4.65 -20.42 48.90
N GLU D 278 -4.53 -21.71 49.16
CA GLU D 278 -4.20 -22.65 48.11
C GLU D 278 -4.97 -23.95 48.33
N LEU D 279 -5.21 -24.65 47.24
CA LEU D 279 -5.79 -25.99 47.27
C LEU D 279 -4.65 -27.01 47.26
N SER D 280 -4.74 -28.01 48.12
CA SER D 280 -3.74 -29.05 48.13
C SER D 280 -3.93 -29.98 46.92
N LYS D 281 -2.92 -30.82 46.67
CA LYS D 281 -3.05 -31.86 45.68
C LYS D 281 -4.26 -32.74 45.97
N GLU D 282 -4.47 -33.10 47.24
CA GLU D 282 -5.62 -33.91 47.60
C GLU D 282 -6.92 -33.17 47.31
N ASP D 283 -6.96 -31.87 47.60
CA ASP D 283 -8.14 -31.06 47.28
C ASP D 283 -8.41 -31.08 45.79
N MET D 284 -7.36 -30.92 44.98
CA MET D 284 -7.53 -30.89 43.54
C MET D 284 -8.02 -32.25 43.06
N GLU D 285 -7.57 -33.30 43.72
CA GLU D 285 -7.90 -34.65 43.32
C GLU D 285 -9.35 -34.96 43.64
N LEU D 286 -9.86 -34.34 44.72
CA LEU D 286 -11.28 -34.45 45.04
C LEU D 286 -12.13 -33.71 44.02
N ILE D 287 -11.72 -32.50 43.64
CA ILE D 287 -12.51 -31.77 42.65
C ILE D 287 -12.53 -32.52 41.33
N LYS D 288 -11.46 -33.27 41.04
CA LYS D 288 -11.42 -34.06 39.80
C LYS D 288 -12.56 -35.09 39.74
N THR D 289 -12.97 -35.64 40.89
CA THR D 289 -14.06 -36.61 40.89
C THR D 289 -15.40 -35.99 40.54
N MET D 290 -15.49 -34.67 40.52
CA MET D 290 -16.71 -33.94 40.18
C MET D 290 -17.01 -34.00 38.69
N GLU D 291 -16.04 -34.37 37.87
CA GLU D 291 -16.18 -34.38 36.43
C GLU D 291 -17.41 -35.16 35.97
N ARG D 292 -18.25 -34.48 35.18
CA ARG D 292 -19.44 -35.07 34.55
C ARG D 292 -19.38 -35.04 33.04
N ASN D 293 -18.41 -34.33 32.44
CA ASN D 293 -18.35 -34.13 30.99
C ASN D 293 -19.68 -33.58 30.48
N GLN D 294 -20.18 -32.55 31.17
CA GLN D 294 -21.51 -32.01 30.88
C GLN D 294 -21.41 -30.52 30.54
N ARG D 295 -21.56 -30.21 29.26
CA ARG D 295 -21.60 -28.82 28.80
C ARG D 295 -22.84 -28.13 29.34
N SER D 296 -22.66 -26.88 29.81
CA SER D 296 -23.75 -26.04 30.26
C SER D 296 -24.24 -25.08 29.18
N ASN D 297 -23.33 -24.40 28.50
CA ASN D 297 -23.66 -23.33 27.57
C ASN D 297 -23.71 -23.89 26.15
N THR D 298 -24.88 -23.84 25.53
CA THR D 298 -25.03 -24.25 24.15
C THR D 298 -25.93 -23.26 23.42
N PRO D 299 -25.53 -22.81 22.23
CA PRO D 299 -26.40 -21.94 21.43
C PRO D 299 -27.42 -22.68 20.58
N ALA D 300 -27.59 -23.99 20.81
CA ALA D 300 -28.44 -24.81 19.96
C ALA D 300 -29.85 -24.24 19.84
N LYS D 301 -30.44 -23.82 20.96
CA LYS D 301 -31.81 -23.32 20.89
C LYS D 301 -31.88 -21.98 20.20
N ALA D 302 -30.94 -21.08 20.50
CA ALA D 302 -30.95 -19.75 19.91
C ALA D 302 -30.74 -19.82 18.40
N TRP D 303 -29.85 -20.70 17.94
CA TRP D 303 -29.48 -20.79 16.53
C TRP D 303 -30.37 -21.76 15.76
N GLY D 304 -31.16 -22.58 16.44
CA GLY D 304 -31.95 -23.58 15.77
C GLY D 304 -31.13 -24.67 15.13
N ILE D 305 -29.88 -24.84 15.57
CA ILE D 305 -29.00 -25.92 15.11
C ILE D 305 -28.19 -26.38 16.30
N ASP D 306 -28.18 -27.69 16.56
CA ASP D 306 -27.30 -28.21 17.60
C ASP D 306 -25.91 -28.39 16.98
N VAL D 307 -25.05 -27.40 17.17
CA VAL D 307 -23.69 -27.48 16.62
C VAL D 307 -22.87 -28.57 17.26
N TYR D 308 -23.30 -29.10 18.40
CA TYR D 308 -22.62 -30.19 19.08
C TYR D 308 -23.21 -31.55 18.74
N ALA D 309 -24.00 -31.62 17.67
CA ALA D 309 -24.64 -32.86 17.28
C ALA D 309 -23.65 -33.94 16.86
#